data_7Q41
#
_entry.id   7Q41
#
_cell.length_a   108.952
_cell.length_b   108.952
_cell.length_c   243.160
_cell.angle_alpha   90.000
_cell.angle_beta   90.000
_cell.angle_gamma   90.000
#
_symmetry.space_group_name_H-M   'P 43 21 2'
#
loop_
_entity.id
_entity.type
_entity.pdbx_description
1 polymer 'Ubiquitin-protein ligase E3A (E6AP) peptide'
2 polymer 'E3 ubiquitin-protein ligase HERC2'
3 non-polymer 'CITRIC ACID'
4 water water
#
loop_
_entity_poly.entity_id
_entity_poly.type
_entity_poly.pdbx_seq_one_letter_code
_entity_poly.pdbx_strand_id
1 'polypeptide(L)' AKDEDKDEDEKEKAA B,D,F
2 'polypeptide(L)'
;GAMGSLIRKKAAGLESAATIRTKVFVWGLNDKDQLGGLKGSKIKVPSFSETLSALNVVQVAGGSKSLFAVTVEGKVYACG
EATNGRLGLGISSGTVPIPRQITALSSYVVKKVAVHSGGRHATALTVDGKVFSWGEGDDGKLGHFSRMNCDKPRLIEALK
TKRIRDIACGSSHSAALTSSGELYTWGLGEYGRLGHGDNTTQLKPKMVKVLLGHRVIQVACGSRDAQTLALTDEGLVFSW
GDGDFGKLGRGGSEGCNIPQNIERLNGQGVCQIECGAQFSLALTKSGVVWTWGKGDYFRLGHGSDVHVRKPQVVEGLRGK
KIVHVAVGALHCLAVTDSGQVYAWGDNDHGQQGNGTTTVNRKPTLVQGLEGQKITRVACGSSHSVAWTTVDVATPSVHEP
VLFQT
;
A,C,E
#
loop_
_chem_comp.id
_chem_comp.type
_chem_comp.name
_chem_comp.formula
CIT non-polymer 'CITRIC ACID' 'C6 H8 O7'
#
# COMPACT_ATOMS: atom_id res chain seq x y z
N LYS A 2 -1.25 -10.00 -12.40
CA LYS A 2 -0.83 -9.11 -11.33
C LYS A 2 -0.11 -7.84 -11.87
N ASP A 3 1.23 -7.89 -11.95
CA ASP A 3 2.04 -6.76 -12.41
C ASP A 3 1.84 -6.53 -13.92
N GLU A 4 1.27 -5.37 -14.28
CA GLU A 4 0.85 -5.14 -15.65
C GLU A 4 2.00 -4.88 -16.61
N ASP A 5 3.14 -4.40 -16.12
CA ASP A 5 4.32 -4.04 -16.92
C ASP A 5 5.20 -5.25 -17.26
N LYS A 6 4.63 -6.44 -17.22
CA LYS A 6 5.39 -7.67 -17.29
C LYS A 6 5.01 -8.37 -18.60
N ASP A 7 6.01 -8.74 -19.39
CA ASP A 7 5.70 -9.46 -20.62
C ASP A 7 5.30 -10.89 -20.31
N GLU A 8 4.74 -11.55 -21.31
CA GLU A 8 4.32 -12.94 -21.23
C GLU A 8 4.87 -13.67 -22.43
N ASP A 9 4.97 -15.00 -22.32
CA ASP A 9 5.56 -15.86 -23.34
C ASP A 9 4.46 -16.56 -24.15
N GLU A 10 4.83 -17.15 -25.28
CA GLU A 10 3.87 -17.89 -26.10
C GLU A 10 4.13 -19.40 -26.08
N ASP B 3 -27.14 0.88 17.53
CA ASP B 3 -27.71 0.57 16.22
C ASP B 3 -27.94 -0.93 15.94
N GLU B 4 -28.89 -1.22 15.04
CA GLU B 4 -29.39 -2.57 14.83
C GLU B 4 -29.04 -3.16 13.46
N ASP B 5 -28.31 -2.44 12.61
CA ASP B 5 -27.90 -2.95 11.30
C ASP B 5 -26.52 -3.62 11.33
N LYS B 6 -26.05 -4.02 12.51
CA LYS B 6 -24.76 -4.69 12.67
C LYS B 6 -24.86 -6.09 12.10
N ASP B 7 -24.43 -6.25 10.84
CA ASP B 7 -24.28 -7.58 10.28
C ASP B 7 -23.36 -8.40 11.16
N GLU B 8 -23.36 -9.72 10.94
CA GLU B 8 -22.46 -10.58 11.68
C GLU B 8 -21.96 -11.70 10.78
N ASP B 9 -20.96 -12.42 11.28
CA ASP B 9 -20.31 -13.51 10.58
C ASP B 9 -20.97 -14.84 10.93
N ARG C 21 34.05 -4.26 -37.33
CA ARG C 21 33.40 -5.44 -36.79
C ARG C 21 32.91 -5.14 -35.37
N THR C 22 31.60 -5.14 -35.19
CA THR C 22 31.02 -4.96 -33.87
C THR C 22 30.21 -6.21 -33.54
N LYS C 23 30.75 -7.03 -32.65
CA LYS C 23 30.07 -8.22 -32.17
C LYS C 23 28.87 -7.82 -31.30
N VAL C 24 27.72 -8.44 -31.56
CA VAL C 24 26.48 -8.14 -30.84
C VAL C 24 25.97 -9.42 -30.19
N PHE C 25 25.52 -9.30 -28.94
CA PHE C 25 24.98 -10.41 -28.15
C PHE C 25 23.58 -10.09 -27.66
N VAL C 26 22.72 -11.11 -27.63
CA VAL C 26 21.32 -10.95 -27.31
C VAL C 26 20.89 -12.07 -26.35
N TRP C 27 19.86 -11.79 -25.56
CA TRP C 27 19.30 -12.81 -24.70
C TRP C 27 18.04 -12.28 -24.02
N GLY C 28 17.22 -13.20 -23.56
CA GLY C 28 15.93 -12.80 -23.06
C GLY C 28 14.79 -13.47 -23.80
N LEU C 29 13.64 -12.79 -23.89
CA LEU C 29 12.46 -13.38 -24.50
C LEU C 29 12.53 -13.35 -26.03
N ASN C 30 12.04 -14.41 -26.64
CA ASN C 30 12.20 -14.61 -28.07
C ASN C 30 10.93 -15.19 -28.65
N ASP C 31 9.81 -15.07 -27.91
CA ASP C 31 8.56 -15.65 -28.37
C ASP C 31 8.10 -15.07 -29.71
N LYS C 32 8.42 -13.82 -29.99
CA LYS C 32 8.11 -13.21 -31.28
C LYS C 32 9.35 -13.01 -32.12
N ASP C 33 10.39 -13.79 -31.85
CA ASP C 33 11.67 -13.67 -32.55
C ASP C 33 12.24 -12.26 -32.45
N GLN C 34 12.00 -11.60 -31.32
CA GLN C 34 12.55 -10.25 -31.17
C GLN C 34 14.03 -10.24 -30.95
N LEU C 35 14.66 -11.41 -30.77
CA LEU C 35 16.11 -11.48 -30.69
C LEU C 35 16.80 -11.53 -32.05
N GLY C 36 16.10 -11.88 -33.13
CA GLY C 36 16.66 -11.72 -34.44
C GLY C 36 17.26 -12.96 -35.03
N GLY C 37 16.63 -14.11 -34.82
CA GLY C 37 17.05 -15.30 -35.50
C GLY C 37 17.78 -16.27 -34.60
N LEU C 38 17.23 -16.52 -33.42
CA LEU C 38 17.73 -17.59 -32.56
C LEU C 38 16.59 -18.54 -32.27
N LYS C 39 16.93 -19.81 -32.06
CA LYS C 39 15.91 -20.80 -31.74
C LYS C 39 15.63 -20.85 -30.24
N GLY C 40 14.39 -21.15 -29.90
CA GLY C 40 13.98 -21.15 -28.51
C GLY C 40 13.33 -19.83 -28.11
N SER C 41 12.68 -19.85 -26.95
CA SER C 41 11.86 -18.73 -26.53
C SER C 41 12.35 -18.04 -25.28
N LYS C 42 13.19 -18.68 -24.47
CA LYS C 42 13.83 -18.09 -23.31
C LYS C 42 15.33 -18.30 -23.49
N ILE C 43 15.98 -17.38 -24.19
CA ILE C 43 17.43 -17.43 -24.34
C ILE C 43 18.03 -16.96 -23.02
N LYS C 44 18.54 -17.90 -22.21
CA LYS C 44 18.91 -17.59 -20.83
C LYS C 44 20.39 -17.24 -20.65
N VAL C 45 21.18 -17.27 -21.72
CA VAL C 45 22.61 -16.98 -21.71
C VAL C 45 22.84 -16.01 -22.87
N PRO C 46 23.67 -14.97 -22.75
CA PRO C 46 23.89 -14.07 -23.89
C PRO C 46 24.32 -14.90 -25.10
N SER C 47 23.92 -14.46 -26.28
CA SER C 47 24.11 -15.29 -27.45
C SER C 47 24.50 -14.43 -28.63
N PHE C 48 25.44 -14.92 -29.43
CA PHE C 48 25.99 -14.09 -30.51
C PHE C 48 24.98 -14.00 -31.65
N SER C 49 24.52 -12.80 -31.93
CA SER C 49 23.60 -12.59 -33.04
C SER C 49 24.39 -12.51 -34.33
N GLU C 50 24.34 -13.57 -35.15
CA GLU C 50 24.96 -13.43 -36.47
C GLU C 50 24.30 -12.33 -37.28
N THR C 51 23.00 -12.10 -37.09
CA THR C 51 22.34 -11.13 -37.97
C THR C 51 22.71 -9.70 -37.60
N LEU C 52 22.82 -9.41 -36.32
CA LEU C 52 23.08 -8.02 -35.93
C LEU C 52 24.56 -7.70 -35.97
N SER C 53 25.39 -8.65 -35.58
CA SER C 53 26.83 -8.41 -35.64
C SER C 53 27.22 -8.03 -37.05
N ALA C 54 26.52 -8.59 -38.03
CA ALA C 54 26.87 -8.34 -39.43
C ALA C 54 26.52 -6.92 -39.85
N LEU C 55 25.45 -6.37 -39.26
CA LEU C 55 25.00 -5.02 -39.58
C LEU C 55 26.06 -3.97 -39.25
N ASN C 56 26.99 -4.28 -38.36
CA ASN C 56 27.95 -3.32 -37.82
C ASN C 56 27.20 -2.13 -37.22
N VAL C 57 26.70 -2.28 -35.97
CA VAL C 57 25.74 -1.37 -35.37
C VAL C 57 26.45 -0.30 -34.57
N VAL C 58 25.83 0.89 -34.49
CA VAL C 58 26.25 1.92 -33.55
C VAL C 58 25.30 2.06 -32.38
N GLN C 59 24.04 1.67 -32.54
CA GLN C 59 23.08 1.66 -31.44
C GLN C 59 22.11 0.51 -31.62
N VAL C 60 21.77 -0.14 -30.51
CA VAL C 60 20.61 -1.00 -30.42
C VAL C 60 19.65 -0.41 -29.38
N ALA C 61 18.35 -0.68 -29.60
CA ALA C 61 17.28 -0.11 -28.80
C ALA C 61 16.16 -1.14 -28.66
N GLY C 62 15.63 -1.28 -27.45
CA GLY C 62 14.60 -2.27 -27.22
C GLY C 62 13.26 -1.68 -26.85
N GLY C 63 12.23 -2.02 -27.63
CA GLY C 63 10.86 -1.71 -27.33
C GLY C 63 10.07 -2.94 -26.91
N SER C 64 8.74 -2.80 -26.93
CA SER C 64 7.92 -3.91 -26.46
C SER C 64 8.06 -5.06 -27.44
N LYS C 65 8.83 -6.09 -27.03
CA LYS C 65 9.06 -7.28 -27.85
C LYS C 65 9.61 -6.92 -29.23
N SER C 66 10.35 -5.82 -29.30
CA SER C 66 10.89 -5.34 -30.56
C SER C 66 12.35 -5.00 -30.37
N LEU C 67 13.12 -5.11 -31.46
CA LEU C 67 14.51 -4.71 -31.48
C LEU C 67 14.71 -3.74 -32.64
N PHE C 68 15.50 -2.68 -32.40
CA PHE C 68 15.93 -1.79 -33.46
C PHE C 68 17.43 -1.61 -33.43
N ALA C 69 18.04 -1.52 -34.64
CA ALA C 69 19.49 -1.36 -34.77
C ALA C 69 19.83 -0.28 -35.79
N VAL C 70 20.67 0.65 -35.38
CA VAL C 70 21.16 1.73 -36.23
C VAL C 70 22.59 1.39 -36.65
N THR C 71 22.83 1.32 -37.95
CA THR C 71 24.11 0.91 -38.49
C THR C 71 25.06 2.10 -38.60
N VAL C 72 26.34 1.80 -38.86
CA VAL C 72 27.35 2.85 -39.04
C VAL C 72 27.02 3.66 -40.28
N GLU C 73 26.36 3.04 -41.26
CA GLU C 73 26.00 3.73 -42.48
C GLU C 73 24.85 4.73 -42.26
N GLY C 74 24.12 4.59 -41.15
CA GLY C 74 22.95 5.41 -40.86
C GLY C 74 21.63 4.70 -41.12
N LYS C 75 21.65 3.42 -41.47
CA LYS C 75 20.47 2.65 -41.78
C LYS C 75 19.83 2.13 -40.49
N VAL C 76 18.55 1.82 -40.56
CA VAL C 76 17.85 1.31 -39.40
C VAL C 76 17.27 -0.05 -39.75
N TYR C 77 17.51 -1.03 -38.87
CA TYR C 77 16.92 -2.34 -39.01
C TYR C 77 16.06 -2.61 -37.79
N ALA C 78 14.95 -3.32 -38.01
CA ALA C 78 14.02 -3.69 -36.95
C ALA C 78 13.70 -5.18 -37.06
N CYS C 79 13.12 -5.73 -36.00
CA CYS C 79 12.67 -7.12 -35.98
C CYS C 79 11.81 -7.32 -34.72
N GLY C 80 11.13 -8.47 -34.67
CA GLY C 80 10.25 -8.77 -33.55
C GLY C 80 8.77 -8.75 -33.85
N GLU C 81 7.94 -8.31 -32.90
CA GLU C 81 6.50 -8.23 -33.12
C GLU C 81 6.11 -6.97 -33.90
N ALA C 82 5.27 -7.14 -34.92
CA ALA C 82 4.94 -6.04 -35.83
C ALA C 82 3.64 -5.34 -35.47
N THR C 83 2.92 -5.79 -34.44
CA THR C 83 1.63 -5.21 -34.07
C THR C 83 1.69 -3.70 -33.86
N ASN C 84 0.62 -3.01 -34.26
CA ASN C 84 0.51 -1.56 -34.14
C ASN C 84 1.54 -0.83 -34.98
N GLY C 85 2.14 -1.54 -35.95
CA GLY C 85 3.16 -0.98 -36.81
C GLY C 85 4.42 -0.58 -36.09
N ARG C 86 4.67 -1.13 -34.90
CA ARG C 86 5.72 -0.62 -34.04
C ARG C 86 7.10 -0.68 -34.68
N LEU C 87 7.26 -1.41 -35.79
CA LEU C 87 8.55 -1.57 -36.43
C LEU C 87 8.78 -0.64 -37.62
N GLY C 88 7.76 0.06 -38.10
CA GLY C 88 7.97 0.98 -39.21
C GLY C 88 8.21 0.34 -40.58
N LEU C 89 7.97 -0.96 -40.73
CA LEU C 89 8.22 -1.66 -41.98
C LEU C 89 6.99 -1.68 -42.90
N GLY C 90 5.98 -0.86 -42.65
CA GLY C 90 4.80 -0.81 -43.48
C GLY C 90 3.76 -1.85 -43.18
N ILE C 91 4.12 -2.96 -42.53
CA ILE C 91 3.15 -3.91 -42.01
C ILE C 91 2.80 -3.49 -40.60
N SER C 92 1.66 -4.00 -40.11
CA SER C 92 1.15 -3.73 -38.77
C SER C 92 0.43 -4.94 -38.17
N SER C 93 0.81 -6.16 -38.60
CA SER C 93 0.41 -7.40 -37.92
C SER C 93 1.43 -8.49 -38.26
N GLY C 94 1.88 -9.22 -37.25
CA GLY C 94 2.75 -10.38 -37.45
C GLY C 94 4.08 -10.20 -36.77
N THR C 95 5.03 -11.05 -37.13
CA THR C 95 6.39 -10.98 -36.63
C THR C 95 7.39 -10.95 -37.77
N VAL C 96 8.49 -10.24 -37.53
CA VAL C 96 9.61 -10.14 -38.44
C VAL C 96 10.81 -10.82 -37.78
N PRO C 97 11.09 -12.10 -38.11
CA PRO C 97 12.07 -12.88 -37.34
C PRO C 97 13.55 -12.58 -37.62
N ILE C 98 13.86 -12.13 -38.82
CA ILE C 98 15.20 -11.68 -39.20
C ILE C 98 15.18 -10.16 -39.26
N PRO C 99 16.17 -9.47 -38.70
CA PRO C 99 16.24 -8.00 -38.85
C PRO C 99 16.08 -7.51 -40.28
N ARG C 100 15.11 -6.63 -40.54
CA ARG C 100 14.86 -6.11 -41.88
C ARG C 100 14.98 -4.58 -41.87
N GLN C 101 15.45 -4.02 -42.98
CA GLN C 101 15.83 -2.61 -43.03
C GLN C 101 14.61 -1.74 -43.22
N ILE C 102 14.51 -0.66 -42.43
CA ILE C 102 13.36 0.23 -42.58
C ILE C 102 13.60 1.08 -43.82
N THR C 103 12.95 0.71 -44.90
CA THR C 103 13.23 1.27 -46.21
C THR C 103 12.87 2.76 -46.26
N ALA C 104 11.88 3.19 -45.47
CA ALA C 104 11.43 4.58 -45.55
C ALA C 104 12.52 5.56 -45.19
N LEU C 105 13.59 5.11 -44.56
CA LEU C 105 14.59 6.03 -44.01
C LEU C 105 15.92 5.89 -44.73
N SER C 106 15.93 5.25 -45.90
CA SER C 106 17.19 4.96 -46.56
C SER C 106 17.88 6.21 -47.07
N SER C 107 17.11 7.26 -47.37
CA SER C 107 17.67 8.53 -47.85
C SER C 107 18.21 9.41 -46.72
N TYR C 108 18.14 8.96 -45.48
CA TYR C 108 18.55 9.74 -44.33
C TYR C 108 19.52 8.94 -43.47
N VAL C 109 20.57 9.62 -43.01
CA VAL C 109 21.49 9.03 -42.05
C VAL C 109 20.87 9.16 -40.67
N VAL C 110 20.47 8.04 -40.08
CA VAL C 110 19.83 8.05 -38.77
C VAL C 110 20.92 7.98 -37.68
N LYS C 111 20.89 8.94 -36.76
CA LYS C 111 21.80 8.99 -35.63
C LYS C 111 21.34 8.07 -34.50
N LYS C 112 20.13 8.30 -34.00
CA LYS C 112 19.59 7.57 -32.86
C LYS C 112 18.14 7.20 -33.12
N VAL C 113 17.73 6.06 -32.59
CA VAL C 113 16.33 5.64 -32.55
C VAL C 113 15.88 5.57 -31.09
N ALA C 114 14.76 6.21 -30.77
CA ALA C 114 14.22 6.25 -29.41
C ALA C 114 13.00 5.35 -29.30
N VAL C 115 12.98 4.52 -28.27
CA VAL C 115 11.85 3.63 -28.06
C VAL C 115 11.86 3.21 -26.60
N HIS C 116 10.67 3.17 -26.02
CA HIS C 116 10.57 2.73 -24.65
C HIS C 116 10.51 1.22 -24.57
N SER C 117 11.03 0.69 -23.46
CA SER C 117 11.12 -0.75 -23.28
C SER C 117 9.78 -1.43 -23.34
N GLY C 118 8.69 -0.71 -23.01
CA GLY C 118 7.36 -1.26 -23.19
C GLY C 118 6.53 -0.40 -24.12
N GLY C 119 7.18 0.14 -25.14
CA GLY C 119 6.56 1.07 -26.06
C GLY C 119 6.14 0.42 -27.36
N ARG C 120 5.13 1.02 -28.01
CA ARG C 120 4.68 0.55 -29.31
C ARG C 120 4.76 1.65 -30.37
N HIS C 121 5.56 2.68 -30.11
CA HIS C 121 5.96 3.65 -31.13
C HIS C 121 7.42 4.02 -30.88
N ALA C 122 8.04 4.56 -31.92
CA ALA C 122 9.44 4.97 -31.82
C ALA C 122 9.63 6.25 -32.60
N THR C 123 10.79 6.86 -32.41
CA THR C 123 11.26 7.99 -33.19
C THR C 123 12.71 7.74 -33.57
N ALA C 124 13.13 8.32 -34.70
CA ALA C 124 14.51 8.23 -35.15
C ALA C 124 15.02 9.61 -35.50
N LEU C 125 16.20 9.95 -35.01
CA LEU C 125 16.81 11.25 -35.23
C LEU C 125 17.95 11.09 -36.21
N THR C 126 18.02 12.01 -37.16
CA THR C 126 19.04 12.00 -38.18
C THR C 126 20.15 12.98 -37.83
N VAL C 127 21.28 12.82 -38.51
CA VAL C 127 22.45 13.65 -38.23
C VAL C 127 22.18 15.11 -38.55
N ASP C 128 21.38 15.39 -39.59
CA ASP C 128 21.02 16.76 -39.94
C ASP C 128 19.88 17.33 -39.08
N GLY C 129 19.57 16.72 -37.92
CA GLY C 129 18.62 17.26 -36.97
C GLY C 129 17.15 16.93 -37.19
N LYS C 130 16.82 16.16 -38.22
CA LYS C 130 15.44 15.82 -38.52
C LYS C 130 14.95 14.69 -37.61
N VAL C 131 13.64 14.66 -37.36
CA VAL C 131 13.05 13.67 -36.46
C VAL C 131 11.87 13.02 -37.16
N PHE C 132 11.84 11.70 -37.14
CA PHE C 132 10.74 10.92 -37.70
C PHE C 132 10.08 10.14 -36.57
N SER C 133 8.84 9.72 -36.81
CA SER C 133 8.06 8.94 -35.85
C SER C 133 7.24 7.88 -36.59
N TRP C 134 6.85 6.83 -35.88
CA TRP C 134 6.04 5.75 -36.44
C TRP C 134 5.60 4.85 -35.31
N GLY C 135 4.68 3.95 -35.62
CA GLY C 135 4.12 3.07 -34.61
C GLY C 135 2.72 3.48 -34.18
N GLU C 136 2.36 3.02 -32.97
CA GLU C 136 1.08 3.37 -32.35
C GLU C 136 0.96 4.87 -32.18
N GLY C 137 -0.11 5.46 -32.72
CA GLY C 137 -0.29 6.90 -32.68
C GLY C 137 -1.21 7.41 -31.60
N ASP C 138 -1.71 6.54 -30.72
CA ASP C 138 -2.63 6.91 -29.66
C ASP C 138 -2.12 8.11 -28.89
N ASP C 139 -3.04 8.93 -28.40
CA ASP C 139 -2.73 10.11 -27.59
C ASP C 139 -1.81 11.08 -28.31
N GLY C 140 -1.64 10.91 -29.62
CA GLY C 140 -0.83 11.82 -30.41
C GLY C 140 0.65 11.72 -30.11
N LYS C 141 1.10 10.55 -29.70
CA LYS C 141 2.48 10.43 -29.28
C LYS C 141 3.44 10.49 -30.46
N LEU C 142 2.95 10.23 -31.67
CA LEU C 142 3.78 10.33 -32.86
C LEU C 142 4.09 11.77 -33.22
N GLY C 143 3.30 12.74 -32.76
CA GLY C 143 3.56 14.13 -33.01
C GLY C 143 2.90 14.76 -34.22
N HIS C 144 1.91 14.12 -34.84
CA HIS C 144 1.36 14.59 -36.11
C HIS C 144 -0.02 15.25 -36.01
N PHE C 145 -0.25 16.03 -34.94
CA PHE C 145 -1.54 16.72 -34.73
C PHE C 145 -2.71 15.75 -34.86
N SER C 146 -2.49 14.49 -34.49
CA SER C 146 -3.48 13.45 -34.74
C SER C 146 -3.11 12.23 -33.91
N ARG C 147 -4.06 11.30 -33.83
CA ARG C 147 -3.93 10.04 -33.12
C ARG C 147 -3.91 8.86 -34.10
N MET C 148 -3.56 9.13 -35.35
CA MET C 148 -3.41 8.12 -36.38
C MET C 148 -2.20 7.22 -36.10
N ASN C 149 -2.31 5.96 -36.47
CA ASN C 149 -1.14 5.09 -36.51
C ASN C 149 -0.33 5.38 -37.78
N CYS C 150 0.99 5.24 -37.68
CA CYS C 150 1.88 5.34 -38.83
C CYS C 150 2.58 4.01 -39.00
N ASP C 151 2.24 3.28 -40.06
CA ASP C 151 2.90 2.00 -40.30
C ASP C 151 4.33 2.16 -40.80
N LYS C 152 4.66 3.29 -41.41
CA LYS C 152 6.01 3.64 -41.82
C LYS C 152 6.36 4.91 -41.07
N PRO C 153 7.63 5.30 -41.03
CA PRO C 153 7.97 6.58 -40.40
C PRO C 153 7.30 7.77 -41.09
N ARG C 154 7.42 8.94 -40.46
CA ARG C 154 6.85 10.17 -41.00
C ARG C 154 7.50 11.35 -40.31
N LEU C 155 7.97 12.32 -41.09
CA LEU C 155 8.69 13.45 -40.53
C LEU C 155 7.79 14.29 -39.65
N ILE C 156 8.22 14.49 -38.40
CA ILE C 156 7.50 15.35 -37.49
C ILE C 156 7.65 16.78 -38.01
N GLU C 157 6.62 17.27 -38.68
CA GLU C 157 6.72 18.57 -39.32
C GLU C 157 6.86 19.71 -38.31
N ALA C 158 6.29 19.56 -37.12
CA ALA C 158 6.29 20.71 -36.23
C ALA C 158 7.67 21.02 -35.64
N LEU C 159 8.71 20.28 -36.01
CA LEU C 159 10.06 20.49 -35.46
C LEU C 159 11.06 20.85 -36.55
N LYS C 160 10.58 21.16 -37.76
CA LYS C 160 11.49 21.28 -38.89
C LYS C 160 12.50 22.42 -38.69
N THR C 161 12.06 23.54 -38.12
CA THR C 161 12.96 24.66 -37.90
C THR C 161 13.75 24.55 -36.59
N LYS C 162 14.01 23.35 -36.10
CA LYS C 162 14.70 23.20 -34.81
C LYS C 162 15.75 22.10 -34.93
N ARG C 163 17.02 22.44 -34.68
CA ARG C 163 18.07 21.43 -34.77
C ARG C 163 17.96 20.55 -33.54
N ILE C 164 17.51 19.32 -33.72
CA ILE C 164 17.28 18.43 -32.61
C ILE C 164 18.54 17.62 -32.32
N ARG C 165 18.89 17.52 -31.04
CA ARG C 165 20.12 16.86 -30.61
C ARG C 165 19.88 15.46 -30.05
N ASP C 166 18.80 15.27 -29.30
CA ASP C 166 18.44 13.98 -28.69
C ASP C 166 16.92 13.81 -28.71
N ILE C 167 16.48 12.55 -28.54
CA ILE C 167 15.06 12.19 -28.55
C ILE C 167 14.79 11.12 -27.50
N ALA C 168 13.57 11.09 -26.99
CA ALA C 168 13.17 10.04 -26.06
C ALA C 168 11.69 9.72 -26.26
N CYS C 169 11.32 8.48 -25.90
CA CYS C 169 9.96 8.00 -26.04
C CYS C 169 9.60 7.12 -24.87
N GLY C 170 8.50 7.43 -24.19
CA GLY C 170 7.91 6.53 -23.21
C GLY C 170 6.94 5.58 -23.87
N SER C 171 5.91 5.17 -23.14
CA SER C 171 4.90 4.35 -23.80
C SER C 171 3.77 5.18 -24.36
N SER C 172 3.42 6.29 -23.70
CA SER C 172 2.30 7.13 -24.14
C SER C 172 2.71 8.54 -24.54
N HIS C 173 3.91 9.00 -24.21
CA HIS C 173 4.33 10.32 -24.63
C HIS C 173 5.74 10.25 -25.21
N SER C 174 6.14 11.34 -25.86
CA SER C 174 7.43 11.41 -26.52
C SER C 174 8.06 12.76 -26.24
N ALA C 175 9.39 12.81 -26.31
CA ALA C 175 10.09 14.06 -26.10
C ALA C 175 11.18 14.19 -27.14
N ALA C 176 11.70 15.41 -27.23
CA ALA C 176 12.80 15.79 -28.11
C ALA C 176 13.38 17.07 -27.56
N LEU C 177 14.69 17.20 -27.58
CA LEU C 177 15.31 18.45 -27.15
C LEU C 177 16.23 19.00 -28.23
N THR C 178 16.38 20.32 -28.22
CA THR C 178 17.15 20.99 -29.25
C THR C 178 18.60 21.19 -28.83
N SER C 179 19.41 21.56 -29.80
CA SER C 179 20.80 21.87 -29.54
C SER C 179 20.94 23.17 -28.75
N SER C 180 19.95 24.05 -28.82
CA SER C 180 20.02 25.25 -28.01
C SER C 180 19.58 25.03 -26.58
N GLY C 181 19.01 23.86 -26.25
CA GLY C 181 18.75 23.49 -24.88
C GLY C 181 17.28 23.33 -24.53
N GLU C 182 16.38 23.66 -25.44
CA GLU C 182 14.95 23.64 -25.18
C GLU C 182 14.42 22.22 -25.35
N LEU C 183 13.50 21.84 -24.46
CA LEU C 183 12.90 20.52 -24.44
C LEU C 183 11.48 20.63 -24.98
N TYR C 184 11.13 19.73 -25.88
CA TYR C 184 9.76 19.61 -26.36
C TYR C 184 9.18 18.29 -25.83
N THR C 185 7.91 18.32 -25.43
CA THR C 185 7.20 17.10 -25.12
C THR C 185 5.90 17.09 -25.87
N TRP C 186 5.38 15.89 -26.13
CA TRP C 186 4.05 15.73 -26.69
C TRP C 186 3.50 14.37 -26.29
N GLY C 187 2.21 14.18 -26.55
CA GLY C 187 1.61 12.89 -26.29
C GLY C 187 0.54 12.95 -25.22
N LEU C 188 0.21 11.79 -24.65
CA LEU C 188 -0.71 11.71 -23.52
C LEU C 188 -0.32 12.68 -22.42
N GLY C 189 -1.28 13.52 -22.03
CA GLY C 189 -1.02 14.56 -21.08
C GLY C 189 -1.26 14.14 -19.65
N GLU C 190 -2.06 13.08 -19.48
CA GLU C 190 -2.61 12.72 -18.18
C GLU C 190 -1.52 12.48 -17.15
N TYR C 191 -1.82 12.87 -15.90
CA TYR C 191 -0.84 12.79 -14.81
C TYR C 191 0.38 13.67 -15.03
N GLY C 192 0.31 14.62 -15.96
CA GLY C 192 1.31 15.66 -16.07
C GLY C 192 2.68 15.20 -16.56
N ARG C 193 2.72 14.18 -17.40
CA ARG C 193 4.03 13.69 -17.85
C ARG C 193 4.67 14.61 -18.87
N LEU C 194 3.88 15.49 -19.49
CA LEU C 194 4.42 16.39 -20.49
C LEU C 194 5.10 17.60 -19.85
N GLY C 195 4.70 17.99 -18.64
CA GLY C 195 5.35 19.08 -17.93
C GLY C 195 4.90 20.48 -18.29
N HIS C 196 3.65 20.64 -18.71
CA HIS C 196 3.15 21.92 -19.14
C HIS C 196 2.20 22.58 -18.12
N GLY C 197 2.14 22.06 -16.89
CA GLY C 197 1.32 22.69 -15.88
C GLY C 197 -0.17 22.40 -15.94
N ASP C 198 -0.57 21.45 -16.78
CA ASP C 198 -1.91 20.88 -16.74
C ASP C 198 -1.77 19.39 -17.00
N ASN C 199 -2.85 18.76 -17.45
CA ASN C 199 -2.82 17.36 -17.85
C ASN C 199 -3.38 17.19 -19.26
N THR C 200 -3.24 18.21 -20.10
CA THR C 200 -3.86 18.20 -21.42
C THR C 200 -3.00 17.42 -22.40
N THR C 201 -3.56 16.36 -22.97
CA THR C 201 -2.96 15.70 -24.12
C THR C 201 -2.59 16.73 -25.18
N GLN C 202 -1.32 16.70 -25.60
CA GLN C 202 -0.78 17.56 -26.66
C GLN C 202 -0.54 16.72 -27.90
N LEU C 203 -1.12 17.13 -29.02
CA LEU C 203 -0.95 16.38 -30.25
C LEU C 203 0.23 16.84 -31.09
N LYS C 204 0.79 18.01 -30.78
CA LYS C 204 1.96 18.61 -31.37
C LYS C 204 3.04 18.68 -30.32
N PRO C 205 4.31 18.71 -30.72
CA PRO C 205 5.37 19.01 -29.75
C PRO C 205 5.23 20.41 -29.19
N LYS C 206 5.32 20.53 -27.86
CA LYS C 206 5.12 21.77 -27.13
C LYS C 206 6.31 22.03 -26.21
N MET C 207 6.74 23.28 -26.15
CA MET C 207 7.92 23.62 -25.35
C MET C 207 7.60 23.65 -23.86
N VAL C 208 8.39 22.94 -23.08
CA VAL C 208 8.32 22.99 -21.62
C VAL C 208 8.87 24.35 -21.18
N LYS C 209 7.99 25.33 -20.99
CA LYS C 209 8.46 26.68 -20.67
C LYS C 209 9.17 26.77 -19.32
N VAL C 210 8.81 25.89 -18.38
CA VAL C 210 9.44 25.95 -17.05
C VAL C 210 10.94 25.74 -17.13
N LEU C 211 11.40 24.83 -18.00
CA LEU C 211 12.81 24.51 -18.12
C LEU C 211 13.56 25.44 -19.07
N LEU C 212 13.01 26.58 -19.42
CA LEU C 212 13.77 27.52 -20.22
C LEU C 212 14.76 28.24 -19.31
N GLY C 213 15.93 28.54 -19.85
CA GLY C 213 17.03 29.05 -19.07
C GLY C 213 18.01 27.98 -18.63
N HIS C 214 17.52 26.74 -18.52
CA HIS C 214 18.38 25.58 -18.36
C HIS C 214 18.71 25.00 -19.73
N ARG C 215 19.95 24.56 -19.90
CA ARG C 215 20.34 23.87 -21.13
C ARG C 215 20.09 22.39 -20.87
N VAL C 216 18.94 21.88 -21.34
CA VAL C 216 18.64 20.47 -21.14
C VAL C 216 19.45 19.63 -22.11
N ILE C 217 20.10 18.59 -21.59
CA ILE C 217 20.98 17.78 -22.42
C ILE C 217 20.50 16.34 -22.56
N GLN C 218 19.71 15.82 -21.63
CA GLN C 218 19.04 14.55 -21.82
C GLN C 218 17.61 14.57 -21.27
N VAL C 219 16.83 13.59 -21.73
CA VAL C 219 15.48 13.41 -21.24
C VAL C 219 15.14 11.93 -21.34
N ALA C 220 14.38 11.42 -20.36
CA ALA C 220 13.91 10.05 -20.36
C ALA C 220 12.42 10.04 -20.04
N CYS C 221 11.71 9.04 -20.56
CA CYS C 221 10.26 8.96 -20.45
C CYS C 221 9.81 7.57 -20.00
N GLY C 222 8.82 7.54 -19.10
CA GLY C 222 8.32 6.30 -18.56
C GLY C 222 7.10 5.77 -19.30
N SER C 223 6.65 4.59 -18.87
CA SER C 223 5.48 3.94 -19.43
C SER C 223 4.32 3.96 -18.44
N ARG C 224 3.13 3.64 -18.97
CA ARG C 224 1.88 3.58 -18.22
C ARG C 224 1.69 4.90 -17.47
N ASP C 225 1.39 4.88 -16.18
CA ASP C 225 1.32 6.12 -15.44
C ASP C 225 2.74 6.62 -15.28
N ALA C 226 3.14 7.50 -16.19
CA ALA C 226 4.53 7.72 -16.56
C ALA C 226 5.18 8.85 -15.77
N GLN C 227 6.47 8.72 -15.58
CA GLN C 227 7.31 9.82 -15.12
C GLN C 227 8.19 10.29 -16.27
N THR C 228 8.83 11.44 -16.09
CA THR C 228 9.73 11.96 -17.10
C THR C 228 10.90 12.59 -16.38
N LEU C 229 12.11 12.34 -16.89
CA LEU C 229 13.33 12.88 -16.31
C LEU C 229 13.99 13.80 -17.32
N ALA C 230 14.75 14.76 -16.80
CA ALA C 230 15.49 15.70 -17.62
C ALA C 230 16.79 16.02 -16.90
N LEU C 231 17.78 16.43 -17.66
CA LEU C 231 19.13 16.65 -17.17
C LEU C 231 19.69 17.88 -17.85
N THR C 232 20.24 18.81 -17.05
CA THR C 232 20.87 19.99 -17.61
C THR C 232 22.38 19.89 -17.47
N ASP C 233 23.08 20.62 -18.33
CA ASP C 233 24.54 20.66 -18.36
C ASP C 233 25.19 21.15 -17.06
N GLU C 234 24.40 21.47 -16.05
CA GLU C 234 24.90 21.67 -14.70
C GLU C 234 24.68 20.46 -13.81
N GLY C 235 24.29 19.34 -14.40
CA GLY C 235 24.11 18.11 -13.66
C GLY C 235 22.85 18.04 -12.84
N LEU C 236 21.92 18.99 -13.04
CA LEU C 236 20.62 19.04 -12.36
C LEU C 236 19.62 18.14 -13.04
N VAL C 237 18.98 17.28 -12.23
CA VAL C 237 18.02 16.28 -12.67
C VAL C 237 16.63 16.80 -12.32
N PHE C 238 15.78 16.98 -13.33
CA PHE C 238 14.38 17.32 -13.11
C PHE C 238 13.50 16.09 -13.35
N SER C 239 12.46 15.96 -12.56
CA SER C 239 11.48 14.90 -12.75
C SER C 239 10.10 15.49 -12.69
N TRP C 240 9.15 14.88 -13.38
CA TRP C 240 7.76 15.27 -13.23
C TRP C 240 6.88 14.16 -13.76
N GLY C 241 5.58 14.40 -13.76
CA GLY C 241 4.61 13.40 -14.16
C GLY C 241 4.04 12.64 -12.98
N ASP C 242 3.49 11.47 -13.29
CA ASP C 242 2.90 10.60 -12.27
C ASP C 242 3.92 10.19 -11.21
N GLY C 243 3.48 10.09 -9.96
CA GLY C 243 4.40 9.83 -8.87
C GLY C 243 4.24 8.59 -8.00
N ASP C 244 3.41 7.63 -8.44
CA ASP C 244 3.31 6.34 -7.77
C ASP C 244 4.71 5.79 -7.49
N PHE C 245 4.86 5.11 -6.35
CA PHE C 245 6.11 4.42 -5.99
C PHE C 245 7.29 5.36 -5.87
N GLY C 246 7.04 6.67 -5.74
CA GLY C 246 8.09 7.63 -5.57
C GLY C 246 9.13 7.60 -6.67
N LYS C 247 8.71 7.30 -7.90
CA LYS C 247 9.63 7.32 -9.02
C LYS C 247 10.01 8.73 -9.42
N LEU C 248 9.24 9.73 -8.96
CA LEU C 248 9.68 11.12 -9.08
C LEU C 248 10.92 11.41 -8.24
N GLY C 249 11.22 10.54 -7.27
CA GLY C 249 12.42 10.67 -6.49
C GLY C 249 12.37 11.63 -5.34
N ARG C 250 11.30 12.44 -5.21
CA ARG C 250 11.17 13.42 -4.13
C ARG C 250 10.26 12.93 -3.02
N GLY C 251 10.26 11.64 -2.75
CA GLY C 251 9.60 11.10 -1.60
C GLY C 251 8.12 10.85 -1.85
N GLY C 252 7.53 10.06 -0.95
CA GLY C 252 6.09 9.90 -0.97
C GLY C 252 5.64 9.37 -2.32
N SER C 253 4.64 10.03 -2.91
CA SER C 253 4.06 9.49 -4.12
C SER C 253 3.10 10.45 -4.81
N GLU C 254 3.34 11.74 -4.69
CA GLU C 254 2.51 12.77 -5.30
C GLU C 254 3.08 13.18 -6.66
N GLY C 255 2.24 13.07 -7.69
CA GLY C 255 2.62 13.51 -9.03
C GLY C 255 2.73 15.01 -9.10
N CYS C 256 3.13 15.49 -10.28
CA CYS C 256 3.06 16.91 -10.60
C CYS C 256 3.30 17.10 -12.08
N ASN C 257 2.83 18.22 -12.61
CA ASN C 257 2.95 18.50 -14.03
C ASN C 257 3.81 19.72 -14.27
N ILE C 258 4.73 19.98 -13.36
CA ILE C 258 5.73 21.03 -13.51
C ILE C 258 7.05 20.37 -13.14
N PRO C 259 8.10 20.54 -13.92
CA PRO C 259 9.40 19.93 -13.56
C PRO C 259 9.87 20.37 -12.18
N GLN C 260 10.26 19.40 -11.36
CA GLN C 260 10.89 19.66 -10.06
C GLN C 260 12.27 19.03 -9.99
N ASN C 261 13.19 19.78 -9.43
CA ASN C 261 14.55 19.32 -9.19
C ASN C 261 14.54 18.14 -8.22
N ILE C 262 15.29 17.09 -8.54
CA ILE C 262 15.52 15.98 -7.59
C ILE C 262 16.75 16.37 -6.79
N GLU C 263 16.52 16.93 -5.60
CA GLU C 263 17.58 17.63 -4.89
C GLU C 263 18.72 16.70 -4.54
N ARG C 264 18.41 15.43 -4.26
CA ARG C 264 19.42 14.47 -3.80
C ARG C 264 20.53 14.31 -4.83
N LEU C 265 20.17 14.27 -6.11
CA LEU C 265 21.16 14.00 -7.15
C LEU C 265 22.05 15.20 -7.43
N ASN C 266 21.81 16.32 -6.76
CA ASN C 266 22.55 17.54 -7.05
C ASN C 266 24.01 17.43 -6.64
N GLY C 267 24.89 17.99 -7.49
CA GLY C 267 26.31 17.87 -7.32
C GLY C 267 26.85 16.48 -7.53
N GLN C 268 25.99 15.49 -7.76
CA GLN C 268 26.46 14.11 -7.93
C GLN C 268 27.03 13.84 -9.30
N GLY C 269 26.98 14.81 -10.21
CA GLY C 269 27.51 14.66 -11.54
C GLY C 269 26.84 13.56 -12.32
N VAL C 270 25.51 13.63 -12.43
CA VAL C 270 24.74 12.65 -13.21
C VAL C 270 24.87 12.97 -14.69
N CYS C 271 25.10 11.94 -15.48
CA CYS C 271 25.39 12.10 -16.88
C CYS C 271 24.53 11.27 -17.80
N GLN C 272 23.96 10.16 -17.33
CA GLN C 272 22.91 9.47 -18.06
C GLN C 272 21.68 9.31 -17.15
N ILE C 273 20.49 9.45 -17.73
CA ILE C 273 19.24 9.16 -17.04
C ILE C 273 18.41 8.22 -17.91
N GLU C 274 17.63 7.35 -17.24
CA GLU C 274 16.74 6.42 -17.94
C GLU C 274 15.51 6.15 -17.09
N CYS C 275 14.45 5.69 -17.76
CA CYS C 275 13.18 5.33 -17.13
C CYS C 275 12.76 3.96 -17.57
N GLY C 276 12.65 3.05 -16.61
CA GLY C 276 12.20 1.70 -16.85
C GLY C 276 10.70 1.64 -16.72
N ALA C 277 10.12 0.57 -16.15
CA ALA C 277 8.68 0.50 -15.93
C ALA C 277 8.40 0.88 -14.49
N GLN C 278 8.04 2.16 -14.27
CA GLN C 278 7.69 2.66 -12.94
C GLN C 278 8.90 2.83 -12.03
N PHE C 279 10.09 3.02 -12.62
CA PHE C 279 11.28 3.34 -11.83
C PHE C 279 12.24 4.18 -12.66
N SER C 280 13.20 4.79 -11.96
CA SER C 280 14.10 5.77 -12.56
C SER C 280 15.53 5.39 -12.25
N LEU C 281 16.42 5.58 -13.22
CA LEU C 281 17.84 5.32 -13.02
C LEU C 281 18.67 6.45 -13.57
N ALA C 282 19.71 6.81 -12.80
CA ALA C 282 20.71 7.79 -13.21
C ALA C 282 22.10 7.22 -12.98
N LEU C 283 23.02 7.55 -13.88
CA LEU C 283 24.43 7.16 -13.76
C LEU C 283 25.29 8.40 -13.70
N THR C 284 26.29 8.38 -12.81
CA THR C 284 27.14 9.53 -12.61
C THR C 284 28.42 9.41 -13.43
N LYS C 285 29.06 10.55 -13.66
CA LYS C 285 30.34 10.57 -14.36
C LYS C 285 31.39 9.81 -13.58
N SER C 286 31.19 9.62 -12.29
CA SER C 286 32.10 8.85 -11.46
C SER C 286 31.71 7.38 -11.38
N GLY C 287 30.74 6.92 -12.16
CA GLY C 287 30.41 5.51 -12.22
C GLY C 287 29.43 5.01 -11.19
N VAL C 288 28.80 5.90 -10.41
CA VAL C 288 27.77 5.50 -9.45
C VAL C 288 26.41 5.39 -10.15
N VAL C 289 25.63 4.39 -9.77
CA VAL C 289 24.29 4.22 -10.29
C VAL C 289 23.28 4.48 -9.19
N TRP C 290 22.34 5.37 -9.45
CA TRP C 290 21.25 5.64 -8.52
C TRP C 290 19.96 5.14 -9.15
N THR C 291 19.17 4.41 -8.37
CA THR C 291 17.83 3.96 -8.77
C THR C 291 16.83 4.28 -7.68
N TRP C 292 15.56 4.34 -8.07
CA TRP C 292 14.43 4.56 -7.18
C TRP C 292 13.16 4.32 -8.00
N GLY C 293 12.04 4.20 -7.31
CA GLY C 293 10.78 3.88 -7.96
C GLY C 293 10.18 2.60 -7.43
N LYS C 294 9.39 1.94 -8.28
CA LYS C 294 8.72 0.71 -7.88
C LYS C 294 9.73 -0.42 -7.67
N GLY C 295 9.57 -1.13 -6.54
CA GLY C 295 10.56 -2.09 -6.07
C GLY C 295 10.29 -3.49 -6.56
N ASP C 296 9.01 -3.76 -6.84
CA ASP C 296 8.52 -5.11 -7.09
C ASP C 296 9.40 -5.82 -8.10
N TYR C 297 9.65 -7.11 -7.84
CA TYR C 297 10.48 -7.93 -8.72
C TYR C 297 11.93 -7.44 -8.83
N PHE C 298 12.44 -6.80 -7.78
CA PHE C 298 13.87 -6.47 -7.65
C PHE C 298 14.43 -5.66 -8.83
N ARG C 299 13.59 -4.86 -9.49
CA ARG C 299 14.05 -4.03 -10.61
C ARG C 299 14.97 -2.91 -10.18
N LEU C 300 15.15 -2.69 -8.88
CA LEU C 300 15.99 -1.59 -8.43
C LEU C 300 17.40 -2.02 -8.09
N GLY C 301 17.64 -3.33 -7.86
CA GLY C 301 18.97 -3.83 -7.58
C GLY C 301 19.46 -3.61 -6.18
N HIS C 302 18.57 -3.52 -5.21
CA HIS C 302 18.95 -3.24 -3.83
C HIS C 302 18.86 -4.44 -2.91
N GLY C 303 18.61 -5.63 -3.44
CA GLY C 303 18.52 -6.84 -2.63
C GLY C 303 17.14 -7.13 -2.10
N SER C 304 16.22 -6.18 -2.24
CA SER C 304 14.84 -6.32 -1.79
C SER C 304 13.93 -5.63 -2.79
N ASP C 305 12.65 -6.05 -2.77
CA ASP C 305 11.64 -5.55 -3.70
C ASP C 305 10.73 -4.52 -3.08
N VAL C 306 11.26 -3.73 -2.13
CA VAL C 306 10.51 -2.58 -1.65
C VAL C 306 10.69 -1.39 -2.59
N HIS C 307 9.71 -0.51 -2.58
CA HIS C 307 9.79 0.72 -3.31
C HIS C 307 10.82 1.64 -2.68
N VAL C 308 11.46 2.46 -3.51
CA VAL C 308 12.48 3.39 -3.07
C VAL C 308 12.04 4.76 -3.60
N ARG C 309 11.62 5.64 -2.70
CA ARG C 309 10.96 6.88 -3.11
C ARG C 309 11.87 8.10 -3.15
N LYS C 310 13.16 7.94 -2.83
CA LYS C 310 14.19 8.95 -3.00
C LYS C 310 15.41 8.21 -3.53
N PRO C 311 16.11 8.79 -4.51
CA PRO C 311 17.18 8.06 -5.22
C PRO C 311 18.21 7.48 -4.28
N GLN C 312 18.52 6.20 -4.48
CA GLN C 312 19.48 5.44 -3.69
C GLN C 312 20.62 4.93 -4.57
N VAL C 313 21.83 4.92 -4.02
CA VAL C 313 22.95 4.32 -4.72
C VAL C 313 22.82 2.80 -4.68
N VAL C 314 23.05 2.17 -5.83
CA VAL C 314 23.08 0.72 -5.91
C VAL C 314 24.38 0.26 -5.26
N GLU C 315 24.28 -0.25 -4.03
CA GLU C 315 25.48 -0.65 -3.28
C GLU C 315 26.17 -1.80 -3.95
N GLY C 316 25.42 -2.66 -4.63
CA GLY C 316 26.00 -3.82 -5.28
C GLY C 316 26.99 -3.51 -6.39
N LEU C 317 27.20 -2.23 -6.69
CA LEU C 317 28.21 -1.82 -7.65
C LEU C 317 29.20 -0.83 -7.07
N ARG C 318 29.25 -0.67 -5.75
CA ARG C 318 30.20 0.28 -5.20
C ARG C 318 31.58 -0.11 -5.67
N GLY C 319 32.32 0.88 -6.13
CA GLY C 319 33.67 0.67 -6.59
C GLY C 319 33.81 0.02 -7.94
N LYS C 320 32.73 -0.21 -8.67
CA LYS C 320 32.78 -0.66 -10.06
C LYS C 320 32.33 0.51 -10.92
N LYS C 321 33.25 1.04 -11.74
CA LYS C 321 32.96 2.24 -12.53
C LYS C 321 32.06 1.84 -13.68
N ILE C 322 30.77 1.99 -13.48
CA ILE C 322 29.79 1.79 -14.53
C ILE C 322 29.94 2.92 -15.54
N VAL C 323 30.10 2.57 -16.82
CA VAL C 323 30.18 3.58 -17.85
C VAL C 323 28.96 3.62 -18.75
N HIS C 324 28.13 2.58 -18.77
CA HIS C 324 26.89 2.61 -19.52
C HIS C 324 25.83 1.83 -18.76
N VAL C 325 24.57 2.25 -18.92
CA VAL C 325 23.40 1.58 -18.32
C VAL C 325 22.28 1.47 -19.33
N ALA C 326 21.41 0.50 -19.09
CA ALA C 326 20.21 0.32 -19.89
C ALA C 326 19.16 -0.28 -18.98
N VAL C 327 17.91 0.17 -19.15
CA VAL C 327 16.79 -0.34 -18.36
C VAL C 327 15.76 -0.93 -19.30
N GLY C 328 15.22 -2.07 -18.91
CA GLY C 328 14.07 -2.64 -19.55
C GLY C 328 12.81 -2.35 -18.76
N ALA C 329 11.88 -3.30 -18.80
CA ALA C 329 10.71 -3.12 -17.98
C ALA C 329 11.03 -3.47 -16.55
N LEU C 330 11.58 -4.67 -16.32
CA LEU C 330 11.84 -5.12 -14.96
C LEU C 330 13.32 -5.41 -14.69
N HIS C 331 14.21 -5.22 -15.67
CA HIS C 331 15.63 -5.44 -15.45
C HIS C 331 16.42 -4.20 -15.86
N CYS C 332 17.66 -4.14 -15.38
CA CYS C 332 18.68 -3.18 -15.78
C CYS C 332 19.95 -3.94 -16.12
N LEU C 333 20.80 -3.31 -16.93
CA LEU C 333 22.11 -3.81 -17.32
C LEU C 333 23.11 -2.67 -17.15
N ALA C 334 24.22 -2.94 -16.47
CA ALA C 334 25.27 -1.94 -16.32
C ALA C 334 26.57 -2.50 -16.89
N VAL C 335 27.42 -1.60 -17.40
CA VAL C 335 28.70 -1.95 -18.02
C VAL C 335 29.83 -1.32 -17.23
N THR C 336 30.86 -2.09 -16.92
CA THR C 336 31.97 -1.48 -16.22
C THR C 336 32.94 -0.89 -17.24
N ASP C 337 33.91 -0.13 -16.75
CA ASP C 337 34.94 0.44 -17.63
C ASP C 337 35.79 -0.64 -18.28
N SER C 338 35.83 -1.83 -17.68
CA SER C 338 36.63 -2.96 -18.14
C SER C 338 35.82 -3.98 -18.96
N GLY C 339 34.69 -3.57 -19.54
CA GLY C 339 33.94 -4.44 -20.42
C GLY C 339 33.15 -5.55 -19.75
N GLN C 340 32.82 -5.43 -18.47
CA GLN C 340 31.98 -6.40 -17.79
C GLN C 340 30.55 -5.87 -17.69
N VAL C 341 29.58 -6.80 -17.76
CA VAL C 341 28.15 -6.49 -17.78
C VAL C 341 27.49 -7.10 -16.54
N TYR C 342 26.92 -6.26 -15.68
CA TYR C 342 26.13 -6.76 -14.56
C TYR C 342 24.64 -6.65 -14.88
N ALA C 343 23.83 -7.46 -14.22
CA ALA C 343 22.38 -7.33 -14.39
C ALA C 343 21.67 -7.46 -13.05
N TRP C 344 20.45 -6.94 -13.00
CA TRP C 344 19.62 -7.19 -11.83
C TRP C 344 18.17 -7.06 -12.24
N GLY C 345 17.29 -7.72 -11.48
CA GLY C 345 15.86 -7.66 -11.71
C GLY C 345 15.27 -9.00 -12.11
N ASP C 346 14.22 -8.92 -12.89
CA ASP C 346 13.33 -10.05 -13.15
C ASP C 346 13.90 -10.98 -14.20
N ASN C 347 13.49 -12.26 -14.14
CA ASN C 347 14.14 -13.21 -15.02
C ASN C 347 13.20 -14.28 -15.57
N ASP C 348 11.91 -14.00 -15.63
CA ASP C 348 10.95 -15.00 -16.11
C ASP C 348 11.29 -15.49 -17.50
N HIS C 349 12.07 -14.70 -18.24
CA HIS C 349 12.43 -14.98 -19.63
C HIS C 349 13.93 -14.99 -19.91
N GLY C 350 14.76 -15.23 -18.89
CA GLY C 350 16.18 -15.38 -19.12
C GLY C 350 16.91 -14.08 -19.32
N GLN C 351 16.21 -12.93 -19.25
CA GLN C 351 16.84 -11.66 -19.59
C GLN C 351 17.98 -11.30 -18.65
N GLN C 352 18.06 -11.93 -17.48
CA GLN C 352 19.19 -11.63 -16.61
C GLN C 352 20.50 -12.13 -17.23
N GLY C 353 20.44 -13.19 -18.02
CA GLY C 353 21.64 -13.74 -18.62
C GLY C 353 22.51 -14.43 -17.60
N ASN C 354 21.90 -15.06 -16.60
CA ASN C 354 22.67 -15.88 -15.69
C ASN C 354 22.41 -17.35 -15.93
N GLY C 355 21.92 -17.69 -17.11
CA GLY C 355 21.72 -19.07 -17.46
C GLY C 355 20.51 -19.71 -16.84
N THR C 356 19.86 -19.03 -15.92
CA THR C 356 18.63 -19.55 -15.35
C THR C 356 17.51 -18.59 -15.65
N THR C 357 16.38 -18.85 -14.99
CA THR C 357 15.28 -17.91 -14.89
C THR C 357 15.17 -17.33 -13.48
N THR C 358 16.10 -17.64 -12.58
CA THR C 358 16.08 -17.11 -11.24
C THR C 358 16.38 -15.62 -11.20
N VAL C 359 15.59 -14.90 -10.39
CA VAL C 359 15.69 -13.46 -10.24
C VAL C 359 17.07 -13.08 -9.73
N ASN C 360 17.57 -11.93 -10.18
CA ASN C 360 18.82 -11.37 -9.67
C ASN C 360 18.47 -10.25 -8.71
N ARG C 361 18.37 -10.56 -7.40
CA ARG C 361 18.00 -9.54 -6.42
C ARG C 361 19.05 -8.46 -6.26
N LYS C 362 20.31 -8.73 -6.56
CA LYS C 362 21.38 -7.76 -6.58
C LYS C 362 22.09 -7.85 -7.92
N PRO C 363 22.94 -6.87 -8.25
CA PRO C 363 23.67 -6.91 -9.53
C PRO C 363 24.60 -8.13 -9.61
N THR C 364 24.35 -8.95 -10.62
CA THR C 364 25.03 -10.22 -10.84
C THR C 364 25.81 -10.14 -12.13
N LEU C 365 27.03 -10.67 -12.13
CA LEU C 365 27.83 -10.65 -13.35
C LEU C 365 27.23 -11.57 -14.41
N VAL C 366 27.24 -11.10 -15.67
CA VAL C 366 26.55 -11.77 -16.76
C VAL C 366 27.44 -12.83 -17.37
N GLN C 367 26.85 -13.99 -17.63
CA GLN C 367 27.58 -15.20 -18.04
C GLN C 367 27.95 -15.11 -19.52
N GLY C 368 29.09 -15.72 -19.87
CA GLY C 368 29.35 -16.06 -21.24
C GLY C 368 29.79 -14.94 -22.13
N LEU C 369 30.23 -13.83 -21.54
CA LEU C 369 30.77 -12.69 -22.28
C LEU C 369 32.20 -12.37 -21.85
N GLU C 370 33.00 -13.38 -21.51
CA GLU C 370 34.36 -13.13 -21.05
C GLU C 370 35.28 -13.00 -22.24
N GLY C 371 36.07 -11.94 -22.25
CA GLY C 371 36.90 -11.63 -23.37
C GLY C 371 36.24 -10.68 -24.33
N GLN C 372 34.93 -10.60 -24.31
CA GLN C 372 34.22 -9.59 -25.07
C GLN C 372 34.31 -8.29 -24.28
N LYS C 373 34.97 -7.28 -24.84
CA LYS C 373 35.04 -6.01 -24.15
C LYS C 373 33.80 -5.21 -24.54
N ILE C 374 32.72 -5.48 -23.80
CA ILE C 374 31.44 -4.81 -24.02
C ILE C 374 31.54 -3.33 -23.67
N THR C 375 30.93 -2.49 -24.50
CA THR C 375 30.92 -1.05 -24.31
C THR C 375 29.53 -0.46 -24.20
N ARG C 376 28.52 -1.08 -24.80
CA ARG C 376 27.18 -0.56 -24.70
C ARG C 376 26.22 -1.71 -24.47
N VAL C 377 25.22 -1.47 -23.63
CA VAL C 377 24.08 -2.36 -23.48
C VAL C 377 22.81 -1.63 -23.87
N ALA C 378 21.81 -2.41 -24.26
CA ALA C 378 20.46 -1.87 -24.42
C ALA C 378 19.48 -2.96 -24.01
N CYS C 379 18.27 -2.53 -23.63
CA CYS C 379 17.24 -3.45 -23.18
C CYS C 379 15.95 -3.18 -23.93
N GLY C 380 15.09 -4.20 -23.94
CA GLY C 380 13.67 -4.08 -24.29
C GLY C 380 12.77 -4.51 -23.15
N SER C 381 11.49 -4.75 -23.42
CA SER C 381 10.57 -5.24 -22.41
C SER C 381 11.15 -6.43 -21.65
N SER C 382 11.55 -7.48 -22.36
CA SER C 382 12.11 -8.66 -21.69
C SER C 382 13.37 -9.18 -22.36
N HIS C 383 14.13 -8.31 -23.02
CA HIS C 383 15.29 -8.78 -23.78
C HIS C 383 16.44 -7.82 -23.54
N SER C 384 17.64 -8.31 -23.83
CA SER C 384 18.87 -7.59 -23.48
C SER C 384 19.86 -7.67 -24.64
N VAL C 385 20.63 -6.61 -24.79
CA VAL C 385 21.64 -6.53 -25.83
C VAL C 385 22.93 -6.08 -25.18
N ALA C 386 24.04 -6.71 -25.57
CA ALA C 386 25.37 -6.16 -25.30
C ALA C 386 26.15 -6.12 -26.60
N TRP C 387 26.94 -5.06 -26.78
CA TRP C 387 27.74 -5.01 -27.99
C TRP C 387 28.99 -4.18 -27.75
N THR C 388 29.86 -4.23 -28.75
CA THR C 388 31.24 -3.79 -28.69
C THR C 388 31.53 -2.81 -29.80
N THR C 389 32.81 -2.47 -29.95
CA THR C 389 33.25 -1.53 -30.96
C THR C 389 34.77 -1.54 -31.08
N THR D 22 -11.23 -2.63 -17.10
CA THR D 22 -11.49 -2.26 -15.70
C THR D 22 -11.01 -3.22 -14.57
N LYS D 23 -10.17 -2.73 -13.66
CA LYS D 23 -9.70 -3.52 -12.52
C LYS D 23 -10.53 -3.22 -11.27
N VAL D 24 -11.02 -4.27 -10.60
CA VAL D 24 -11.95 -4.17 -9.46
C VAL D 24 -11.33 -4.79 -8.21
N PHE D 25 -11.45 -4.09 -7.08
CA PHE D 25 -10.92 -4.51 -5.79
C PHE D 25 -12.07 -4.59 -4.78
N VAL D 26 -12.02 -5.57 -3.88
CA VAL D 26 -13.08 -5.75 -2.90
C VAL D 26 -12.46 -5.96 -1.53
N TRP D 27 -13.27 -5.72 -0.50
CA TRP D 27 -12.87 -6.05 0.86
C TRP D 27 -14.09 -5.93 1.76
N GLY D 28 -13.98 -6.52 2.95
CA GLY D 28 -15.06 -6.46 3.93
C GLY D 28 -15.67 -7.83 4.21
N LEU D 29 -16.92 -7.82 4.70
CA LEU D 29 -17.56 -9.07 5.12
C LEU D 29 -17.66 -10.03 3.95
N ASN D 30 -17.33 -11.31 4.19
CA ASN D 30 -17.41 -12.28 3.10
C ASN D 30 -18.11 -13.56 3.49
N ASP D 31 -18.81 -13.60 4.62
CA ASP D 31 -19.32 -14.86 5.14
C ASP D 31 -20.26 -15.60 4.19
N LYS D 32 -20.82 -14.92 3.18
CA LYS D 32 -21.67 -15.58 2.20
C LYS D 32 -21.11 -15.46 0.79
N ASP D 33 -19.82 -15.15 0.67
CA ASP D 33 -19.14 -15.03 -0.63
C ASP D 33 -19.68 -13.87 -1.45
N GLN D 34 -20.20 -12.87 -0.77
CA GLN D 34 -20.63 -11.65 -1.43
C GLN D 34 -19.49 -10.89 -2.08
N LEU D 35 -18.23 -11.26 -1.89
CA LEU D 35 -17.16 -10.60 -2.62
C LEU D 35 -16.84 -11.30 -3.95
N GLY D 36 -17.50 -12.43 -4.23
CA GLY D 36 -17.37 -13.05 -5.52
C GLY D 36 -16.17 -13.96 -5.67
N GLY D 37 -15.75 -14.65 -4.61
CA GLY D 37 -14.79 -15.72 -4.76
C GLY D 37 -13.41 -15.58 -4.15
N LEU D 38 -13.32 -14.99 -2.96
CA LEU D 38 -12.09 -14.93 -2.18
C LEU D 38 -12.22 -15.82 -0.94
N LYS D 39 -11.11 -16.33 -0.45
CA LYS D 39 -11.13 -17.16 0.73
C LYS D 39 -11.05 -16.24 1.94
N GLY D 40 -11.86 -16.53 2.94
CA GLY D 40 -11.79 -15.72 4.15
C GLY D 40 -13.10 -14.98 4.36
N SER D 41 -13.50 -14.88 5.63
CA SER D 41 -14.81 -14.31 5.95
C SER D 41 -14.76 -12.81 6.13
N LYS D 42 -13.63 -12.25 6.61
CA LYS D 42 -13.41 -10.82 6.76
C LYS D 42 -12.18 -10.44 5.93
N ILE D 43 -12.37 -9.75 4.81
CA ILE D 43 -11.27 -9.26 3.98
C ILE D 43 -10.94 -7.83 4.41
N LYS D 44 -9.86 -7.66 5.16
CA LYS D 44 -9.46 -6.40 5.78
C LYS D 44 -8.59 -5.51 4.90
N VAL D 45 -8.05 -6.02 3.80
CA VAL D 45 -7.27 -5.20 2.88
C VAL D 45 -8.01 -5.26 1.55
N PRO D 46 -8.03 -4.19 0.77
CA PRO D 46 -8.53 -4.30 -0.59
C PRO D 46 -7.86 -5.45 -1.34
N SER D 47 -8.66 -6.16 -2.12
CA SER D 47 -8.20 -7.36 -2.80
C SER D 47 -8.70 -7.36 -4.24
N PHE D 48 -7.80 -7.68 -5.17
CA PHE D 48 -8.14 -7.71 -6.58
C PHE D 48 -9.11 -8.84 -6.86
N SER D 49 -10.22 -8.55 -7.53
CA SER D 49 -11.24 -9.55 -7.82
C SER D 49 -11.13 -9.92 -9.30
N GLU D 50 -10.55 -11.10 -9.59
CA GLU D 50 -10.48 -11.52 -10.98
C GLU D 50 -11.87 -11.68 -11.59
N THR D 51 -12.81 -12.27 -10.84
CA THR D 51 -14.13 -12.53 -11.40
C THR D 51 -14.83 -11.22 -11.81
N LEU D 52 -14.78 -10.22 -10.95
CA LEU D 52 -15.45 -8.97 -11.28
C LEU D 52 -14.66 -8.16 -12.32
N SER D 53 -13.33 -8.08 -12.18
CA SER D 53 -12.53 -7.37 -13.17
C SER D 53 -12.71 -7.98 -14.55
N ALA D 54 -12.96 -9.29 -14.60
CA ALA D 54 -13.26 -9.97 -15.86
C ALA D 54 -14.41 -9.32 -16.62
N LEU D 55 -15.42 -8.80 -15.91
CA LEU D 55 -16.70 -8.46 -16.52
C LEU D 55 -16.71 -7.17 -17.33
N ASN D 56 -15.75 -6.27 -17.12
CA ASN D 56 -15.80 -4.91 -17.65
C ASN D 56 -17.00 -4.18 -17.07
N VAL D 57 -16.87 -3.83 -15.80
CA VAL D 57 -17.97 -3.27 -15.05
C VAL D 57 -18.05 -1.77 -15.28
N VAL D 58 -19.24 -1.31 -15.65
CA VAL D 58 -19.55 0.12 -15.60
C VAL D 58 -20.34 0.49 -14.36
N GLN D 59 -20.75 -0.47 -13.53
CA GLN D 59 -21.36 -0.20 -12.24
C GLN D 59 -21.29 -1.44 -11.34
N VAL D 60 -21.16 -1.17 -10.03
CA VAL D 60 -21.24 -2.15 -8.94
C VAL D 60 -22.12 -1.57 -7.85
N ALA D 61 -22.91 -2.45 -7.21
CA ALA D 61 -23.80 -2.05 -6.14
C ALA D 61 -23.91 -3.19 -5.14
N GLY D 62 -23.96 -2.84 -3.85
CA GLY D 62 -23.99 -3.83 -2.80
C GLY D 62 -25.27 -3.74 -1.98
N GLY D 63 -25.91 -4.89 -1.81
CA GLY D 63 -27.08 -5.03 -0.97
C GLY D 63 -26.75 -5.77 0.30
N SER D 64 -27.74 -6.39 0.94
CA SER D 64 -27.49 -7.07 2.22
C SER D 64 -26.77 -8.39 1.92
N LYS D 65 -25.46 -8.41 2.20
CA LYS D 65 -24.58 -9.52 1.90
C LYS D 65 -24.73 -9.94 0.44
N SER D 66 -24.85 -8.95 -0.44
CA SER D 66 -25.05 -9.21 -1.85
C SER D 66 -24.27 -8.20 -2.66
N LEU D 67 -23.96 -8.59 -3.89
CA LEU D 67 -23.15 -7.79 -4.79
C LEU D 67 -23.70 -7.93 -6.20
N PHE D 68 -23.90 -6.79 -6.86
CA PHE D 68 -24.36 -6.76 -8.24
C PHE D 68 -23.38 -6.02 -9.11
N ALA D 69 -23.26 -6.47 -10.37
CA ALA D 69 -22.34 -5.89 -11.32
C ALA D 69 -23.02 -5.77 -12.67
N VAL D 70 -22.85 -4.60 -13.30
CA VAL D 70 -23.40 -4.29 -14.61
C VAL D 70 -22.24 -4.16 -15.60
N THR D 71 -22.18 -5.06 -16.57
CA THR D 71 -21.10 -5.07 -17.55
C THR D 71 -21.33 -4.02 -18.63
N VAL D 72 -20.25 -3.65 -19.33
CA VAL D 72 -20.32 -2.59 -20.33
C VAL D 72 -21.19 -3.00 -21.51
N GLU D 73 -21.47 -4.28 -21.68
CA GLU D 73 -22.42 -4.68 -22.70
C GLU D 73 -23.84 -4.85 -22.15
N GLY D 74 -24.07 -4.42 -20.91
CA GLY D 74 -25.42 -4.39 -20.38
C GLY D 74 -25.92 -5.66 -19.74
N LYS D 75 -25.02 -6.58 -19.39
CA LYS D 75 -25.36 -7.78 -18.65
C LYS D 75 -25.27 -7.50 -17.15
N VAL D 76 -26.09 -8.21 -16.39
CA VAL D 76 -26.04 -8.08 -14.93
C VAL D 76 -25.61 -9.43 -14.36
N TYR D 77 -24.67 -9.39 -13.42
CA TYR D 77 -24.23 -10.54 -12.65
C TYR D 77 -24.48 -10.24 -11.19
N ALA D 78 -24.90 -11.25 -10.43
CA ALA D 78 -25.11 -11.09 -8.99
C ALA D 78 -24.40 -12.21 -8.24
N CYS D 79 -24.11 -11.95 -6.97
CA CYS D 79 -23.45 -12.98 -6.16
C CYS D 79 -23.58 -12.63 -4.69
N GLY D 80 -23.33 -13.64 -3.85
CA GLY D 80 -23.49 -13.55 -2.41
C GLY D 80 -24.66 -14.33 -1.83
N GLU D 81 -25.26 -13.81 -0.76
CA GLU D 81 -26.44 -14.45 -0.17
C GLU D 81 -27.59 -14.46 -1.17
N ALA D 82 -28.25 -15.61 -1.30
CA ALA D 82 -29.36 -15.74 -2.23
C ALA D 82 -30.68 -15.95 -1.53
N THR D 83 -30.78 -15.58 -0.25
CA THR D 83 -32.00 -15.69 0.53
C THR D 83 -33.01 -14.61 0.13
N ASN D 84 -34.30 -14.99 0.12
CA ASN D 84 -35.41 -14.14 -0.28
C ASN D 84 -35.39 -13.80 -1.76
N GLY D 85 -34.58 -14.47 -2.56
CA GLY D 85 -34.45 -14.12 -3.95
C GLY D 85 -33.80 -12.79 -4.20
N ARG D 86 -32.93 -12.33 -3.31
CA ARG D 86 -32.44 -10.98 -3.49
C ARG D 86 -31.53 -10.84 -4.70
N LEU D 87 -30.96 -11.95 -5.19
CA LEU D 87 -30.03 -11.90 -6.30
C LEU D 87 -30.69 -12.04 -7.66
N GLY D 88 -31.91 -12.54 -7.71
CA GLY D 88 -32.63 -12.58 -8.97
C GLY D 88 -32.34 -13.76 -9.85
N LEU D 89 -31.77 -14.84 -9.31
CA LEU D 89 -31.30 -15.97 -10.09
C LEU D 89 -32.23 -17.17 -9.96
N GLY D 90 -33.53 -16.94 -9.86
CA GLY D 90 -34.47 -18.04 -9.75
C GLY D 90 -34.38 -18.89 -8.49
N ILE D 91 -33.62 -18.45 -7.50
CA ILE D 91 -33.47 -19.23 -6.27
C ILE D 91 -33.69 -18.33 -5.05
N SER D 92 -34.06 -18.99 -3.96
CA SER D 92 -34.48 -18.33 -2.73
C SER D 92 -33.75 -18.82 -1.49
N SER D 93 -32.64 -19.56 -1.64
CA SER D 93 -31.86 -20.01 -0.50
C SER D 93 -30.42 -20.16 -0.92
N GLY D 94 -29.55 -20.43 0.06
CA GLY D 94 -28.15 -20.70 -0.22
C GLY D 94 -27.35 -19.46 -0.58
N THR D 95 -26.13 -19.69 -1.09
CA THR D 95 -25.31 -18.60 -1.59
C THR D 95 -24.82 -18.90 -2.99
N VAL D 96 -24.30 -17.86 -3.62
CA VAL D 96 -23.77 -17.87 -4.97
C VAL D 96 -22.35 -17.35 -4.90
N PRO D 97 -21.35 -18.23 -4.83
CA PRO D 97 -19.99 -17.80 -4.46
C PRO D 97 -19.18 -17.12 -5.56
N ILE D 98 -19.59 -17.18 -6.82
CA ILE D 98 -18.92 -16.38 -7.82
C ILE D 98 -20.01 -15.63 -8.56
N PRO D 99 -19.74 -14.41 -9.04
CA PRO D 99 -20.76 -13.67 -9.80
C PRO D 99 -21.37 -14.53 -10.90
N ARG D 100 -22.67 -14.45 -11.02
CA ARG D 100 -23.42 -15.32 -11.89
C ARG D 100 -24.35 -14.41 -12.67
N GLN D 101 -24.43 -14.60 -13.98
CA GLN D 101 -25.22 -13.67 -14.79
C GLN D 101 -26.70 -13.84 -14.49
N ILE D 102 -27.39 -12.72 -14.27
CA ILE D 102 -28.85 -12.73 -14.24
C ILE D 102 -29.31 -12.92 -15.67
N THR D 103 -29.62 -14.16 -16.03
CA THR D 103 -29.98 -14.45 -17.41
C THR D 103 -31.41 -14.04 -17.74
N ALA D 104 -32.21 -13.68 -16.74
CA ALA D 104 -33.56 -13.22 -17.04
C ALA D 104 -33.55 -11.95 -17.87
N LEU D 105 -32.50 -11.15 -17.75
CA LEU D 105 -32.42 -9.84 -18.40
C LEU D 105 -31.60 -9.85 -19.69
N SER D 106 -31.07 -11.01 -20.10
CA SER D 106 -30.14 -11.04 -21.22
C SER D 106 -30.71 -10.32 -22.44
N SER D 107 -32.03 -10.29 -22.57
CA SER D 107 -32.68 -9.65 -23.70
C SER D 107 -32.73 -8.13 -23.58
N TYR D 108 -32.21 -7.57 -22.49
CA TYR D 108 -32.25 -6.12 -22.30
C TYR D 108 -30.87 -5.65 -21.85
N VAL D 109 -30.52 -4.44 -22.26
CA VAL D 109 -29.26 -3.82 -21.85
C VAL D 109 -29.52 -2.99 -20.60
N VAL D 110 -28.99 -3.45 -19.46
CA VAL D 110 -29.14 -2.73 -18.20
C VAL D 110 -28.06 -1.66 -18.11
N LYS D 111 -28.42 -0.46 -17.67
CA LYS D 111 -27.41 0.54 -17.37
C LYS D 111 -27.25 0.83 -15.89
N LYS D 112 -28.20 0.43 -15.05
CA LYS D 112 -28.07 0.64 -13.62
C LYS D 112 -28.82 -0.44 -12.87
N VAL D 113 -28.26 -0.83 -11.73
CA VAL D 113 -28.93 -1.70 -10.78
C VAL D 113 -28.99 -0.95 -9.46
N ALA D 114 -30.19 -0.85 -8.90
CA ALA D 114 -30.43 -0.09 -7.67
C ALA D 114 -30.73 -1.04 -6.52
N VAL D 115 -29.93 -0.94 -5.45
CA VAL D 115 -30.13 -1.69 -4.24
C VAL D 115 -29.64 -0.84 -3.07
N HIS D 116 -30.28 -1.02 -1.93
CA HIS D 116 -29.79 -0.42 -0.70
C HIS D 116 -28.75 -1.31 -0.04
N SER D 117 -27.86 -0.68 0.73
CA SER D 117 -26.82 -1.45 1.42
C SER D 117 -27.41 -2.50 2.34
N GLY D 118 -28.61 -2.28 2.86
CA GLY D 118 -29.23 -3.29 3.68
C GLY D 118 -30.54 -3.83 3.13
N GLY D 119 -30.66 -3.87 1.81
CA GLY D 119 -31.87 -4.28 1.14
C GLY D 119 -31.87 -5.74 0.76
N ARG D 120 -33.07 -6.30 0.58
CA ARG D 120 -33.26 -7.65 0.06
C ARG D 120 -34.09 -7.61 -1.22
N HIS D 121 -34.06 -6.49 -1.91
CA HIS D 121 -34.71 -6.36 -3.20
C HIS D 121 -33.92 -5.32 -3.96
N ALA D 122 -33.97 -5.42 -5.29
CA ALA D 122 -33.25 -4.50 -6.15
C ALA D 122 -34.08 -4.28 -7.40
N THR D 123 -33.65 -3.29 -8.21
CA THR D 123 -34.31 -2.97 -9.46
C THR D 123 -33.26 -2.62 -10.51
N ALA D 124 -33.55 -2.99 -11.75
CA ALA D 124 -32.67 -2.68 -12.87
C ALA D 124 -33.37 -1.73 -13.83
N LEU D 125 -32.60 -0.82 -14.43
CA LEU D 125 -33.08 0.10 -15.45
C LEU D 125 -32.34 -0.14 -16.76
N THR D 126 -33.09 -0.45 -17.81
CA THR D 126 -32.52 -0.63 -19.14
C THR D 126 -32.19 0.72 -19.76
N VAL D 127 -31.54 0.68 -20.91
CA VAL D 127 -31.09 1.91 -21.54
C VAL D 127 -32.23 2.68 -22.16
N ASP D 128 -33.30 1.99 -22.58
CA ASP D 128 -34.45 2.61 -23.20
C ASP D 128 -35.59 2.85 -22.20
N GLY D 129 -35.30 2.77 -20.91
CA GLY D 129 -36.19 3.29 -19.89
C GLY D 129 -37.08 2.29 -19.18
N LYS D 130 -36.76 0.99 -19.24
CA LYS D 130 -37.57 -0.07 -18.64
C LYS D 130 -37.00 -0.44 -17.27
N VAL D 131 -37.87 -0.86 -16.35
CA VAL D 131 -37.46 -1.09 -14.97
C VAL D 131 -38.02 -2.40 -14.48
N PHE D 132 -37.14 -3.35 -14.19
CA PHE D 132 -37.45 -4.62 -13.57
C PHE D 132 -37.09 -4.56 -12.09
N SER D 133 -37.81 -5.35 -11.28
CA SER D 133 -37.53 -5.50 -9.86
C SER D 133 -37.53 -6.98 -9.49
N TRP D 134 -36.87 -7.34 -8.40
CA TRP D 134 -36.89 -8.73 -7.97
C TRP D 134 -36.47 -8.82 -6.53
N GLY D 135 -36.88 -9.90 -5.87
CA GLY D 135 -36.45 -10.11 -4.51
C GLY D 135 -37.62 -10.08 -3.54
N GLU D 136 -37.35 -9.56 -2.35
CA GLU D 136 -38.36 -9.57 -1.31
C GLU D 136 -39.52 -8.67 -1.72
N GLY D 137 -40.73 -9.17 -1.54
CA GLY D 137 -41.89 -8.47 -2.03
C GLY D 137 -42.63 -7.65 -1.00
N ASP D 138 -42.14 -7.60 0.24
CA ASP D 138 -42.93 -7.01 1.30
C ASP D 138 -43.40 -5.61 0.96
N ASP D 139 -44.60 -5.29 1.42
CA ASP D 139 -45.14 -3.95 1.41
C ASP D 139 -45.22 -3.39 -0.01
N GLY D 140 -45.13 -4.30 -0.98
CA GLY D 140 -45.23 -3.96 -2.38
C GLY D 140 -44.03 -3.24 -2.93
N LYS D 141 -42.88 -3.33 -2.26
CA LYS D 141 -41.71 -2.57 -2.71
C LYS D 141 -41.23 -3.00 -4.08
N LEU D 142 -41.74 -4.12 -4.61
CA LEU D 142 -41.44 -4.51 -5.97
C LEU D 142 -42.32 -3.82 -7.01
N GLY D 143 -43.53 -3.36 -6.63
CA GLY D 143 -44.33 -2.53 -7.50
C GLY D 143 -45.24 -3.27 -8.47
N HIS D 144 -45.73 -4.44 -8.07
CA HIS D 144 -46.51 -5.28 -8.96
C HIS D 144 -47.92 -5.50 -8.44
N PHE D 145 -48.46 -4.53 -7.72
CA PHE D 145 -49.79 -4.62 -7.12
C PHE D 145 -49.91 -5.82 -6.17
N SER D 146 -48.77 -6.30 -5.65
CA SER D 146 -48.76 -7.42 -4.71
C SER D 146 -47.54 -7.35 -3.81
N ARG D 147 -47.59 -8.14 -2.73
CA ARG D 147 -46.52 -8.27 -1.75
C ARG D 147 -45.72 -9.55 -1.91
N MET D 148 -45.97 -10.32 -2.98
CA MET D 148 -45.32 -11.61 -3.19
C MET D 148 -43.90 -11.41 -3.69
N ASN D 149 -43.00 -12.30 -3.25
CA ASN D 149 -41.59 -12.23 -3.61
C ASN D 149 -41.34 -12.69 -5.06
N CYS D 150 -40.31 -12.12 -5.69
CA CYS D 150 -39.84 -12.55 -7.00
C CYS D 150 -38.44 -13.14 -6.90
N ASP D 151 -38.27 -14.37 -7.37
CA ASP D 151 -36.94 -14.99 -7.42
C ASP D 151 -36.16 -14.64 -8.68
N LYS D 152 -36.85 -14.28 -9.76
CA LYS D 152 -36.39 -13.74 -11.04
C LYS D 152 -36.93 -12.31 -11.21
N PRO D 153 -36.26 -11.43 -11.97
CA PRO D 153 -36.80 -10.08 -12.19
C PRO D 153 -38.18 -10.11 -12.84
N ARG D 154 -38.85 -8.95 -12.80
CA ARG D 154 -40.15 -8.77 -13.43
C ARG D 154 -40.32 -7.31 -13.84
N LEU D 155 -40.73 -7.10 -15.09
CA LEU D 155 -40.99 -5.77 -15.61
C LEU D 155 -42.06 -5.08 -14.78
N ILE D 156 -41.78 -3.88 -14.31
CA ILE D 156 -42.76 -3.17 -13.50
C ILE D 156 -43.79 -2.60 -14.46
N GLU D 157 -44.83 -3.38 -14.77
CA GLU D 157 -45.71 -3.00 -15.87
C GLU D 157 -46.34 -1.63 -15.67
N ALA D 158 -46.35 -1.12 -14.45
CA ALA D 158 -47.00 0.17 -14.17
C ALA D 158 -46.26 1.33 -14.82
N LEU D 159 -44.95 1.20 -15.02
CA LEU D 159 -44.10 2.25 -15.54
C LEU D 159 -43.79 2.11 -17.03
N LYS D 160 -44.42 1.15 -17.73
CA LYS D 160 -44.20 1.02 -19.17
C LYS D 160 -44.45 2.32 -19.91
N THR D 161 -45.48 3.07 -19.48
CA THR D 161 -45.85 4.29 -20.15
C THR D 161 -44.76 5.36 -20.08
N LYS D 162 -43.90 5.31 -19.06
CA LYS D 162 -42.93 6.35 -18.76
C LYS D 162 -41.53 5.92 -19.20
N ARG D 163 -40.65 6.91 -19.41
CA ARG D 163 -39.26 6.68 -19.82
C ARG D 163 -38.35 7.09 -18.67
N ILE D 164 -37.89 6.09 -17.90
CA ILE D 164 -37.15 6.25 -16.65
C ILE D 164 -35.69 6.47 -16.94
N ARG D 165 -35.03 7.35 -16.17
CA ARG D 165 -33.59 7.49 -16.29
C ARG D 165 -32.81 7.34 -15.00
N ASP D 166 -33.46 7.15 -13.87
CA ASP D 166 -32.75 6.81 -12.65
C ASP D 166 -33.66 6.00 -11.74
N ILE D 167 -33.05 5.29 -10.79
CA ILE D 167 -33.78 4.47 -9.82
C ILE D 167 -32.98 4.38 -8.53
N ALA D 168 -33.70 4.09 -7.45
CA ALA D 168 -33.16 3.87 -6.12
C ALA D 168 -34.01 2.81 -5.45
N CYS D 169 -33.44 2.18 -4.43
CA CYS D 169 -34.21 1.26 -3.60
C CYS D 169 -33.67 1.39 -2.21
N GLY D 170 -34.58 1.41 -1.25
CA GLY D 170 -34.23 1.30 0.14
C GLY D 170 -34.43 -0.11 0.63
N SER D 171 -34.55 -0.24 1.94
CA SER D 171 -34.82 -1.57 2.44
C SER D 171 -36.30 -1.90 2.33
N SER D 172 -37.17 -0.89 2.41
CA SER D 172 -38.60 -1.11 2.48
C SER D 172 -39.39 -0.45 1.37
N HIS D 173 -38.78 0.41 0.57
CA HIS D 173 -39.55 1.04 -0.48
C HIS D 173 -38.64 1.27 -1.67
N SER D 174 -39.22 1.84 -2.73
CA SER D 174 -38.51 1.95 -4.00
C SER D 174 -38.91 3.25 -4.66
N ALA D 175 -38.00 3.80 -5.46
CA ALA D 175 -38.24 5.04 -6.16
C ALA D 175 -37.72 4.93 -7.58
N ALA D 176 -38.41 5.57 -8.51
CA ALA D 176 -37.90 5.72 -9.87
C ALA D 176 -38.33 7.08 -10.37
N LEU D 177 -37.52 7.67 -11.24
CA LEU D 177 -37.83 8.98 -11.76
C LEU D 177 -37.59 9.02 -13.27
N THR D 178 -38.31 9.92 -13.93
CA THR D 178 -38.37 9.95 -15.37
C THR D 178 -37.46 11.04 -15.93
N SER D 179 -37.29 11.02 -17.25
CA SER D 179 -36.52 12.05 -17.91
C SER D 179 -37.09 13.41 -17.64
N SER D 180 -38.41 13.56 -17.80
CA SER D 180 -39.04 14.85 -17.63
C SER D 180 -38.92 15.41 -16.22
N GLY D 181 -38.59 14.57 -15.23
CA GLY D 181 -38.37 15.05 -13.88
C GLY D 181 -39.41 14.61 -12.87
N GLU D 182 -40.35 13.77 -13.28
CA GLU D 182 -41.38 13.25 -12.39
C GLU D 182 -40.82 12.12 -11.55
N LEU D 183 -41.33 12.00 -10.33
CA LEU D 183 -40.79 11.04 -9.38
C LEU D 183 -41.89 10.15 -8.83
N TYR D 184 -41.70 8.84 -8.97
CA TYR D 184 -42.59 7.84 -8.43
C TYR D 184 -41.91 7.09 -7.29
N THR D 185 -42.69 6.82 -6.24
CA THR D 185 -42.26 6.01 -5.13
C THR D 185 -43.37 5.02 -4.80
N TRP D 186 -42.98 3.90 -4.19
CA TRP D 186 -43.90 2.86 -3.81
C TRP D 186 -43.25 2.02 -2.73
N GLY D 187 -44.07 1.15 -2.14
CA GLY D 187 -43.61 0.32 -1.06
C GLY D 187 -44.24 0.72 0.25
N LEU D 188 -43.60 0.29 1.34
CA LEU D 188 -44.07 0.58 2.68
C LEU D 188 -44.24 2.08 2.84
N GLY D 189 -45.37 2.48 3.44
CA GLY D 189 -45.75 3.88 3.47
C GLY D 189 -45.39 4.51 4.78
N GLU D 190 -45.27 3.65 5.80
CA GLU D 190 -44.99 4.00 7.19
C GLU D 190 -43.98 5.12 7.35
N TYR D 191 -44.24 6.01 8.32
CA TYR D 191 -43.41 7.21 8.60
C TYR D 191 -43.17 8.08 7.37
N GLY D 192 -44.07 8.02 6.40
CA GLY D 192 -44.07 8.94 5.28
C GLY D 192 -42.86 8.87 4.37
N ARG D 193 -42.25 7.70 4.25
CA ARG D 193 -41.08 7.57 3.38
C ARG D 193 -41.44 7.75 1.91
N LEU D 194 -42.72 7.62 1.56
CA LEU D 194 -43.09 7.67 0.15
C LEU D 194 -43.38 9.09 -0.34
N GLY D 195 -43.63 10.04 0.57
CA GLY D 195 -43.88 11.43 0.17
C GLY D 195 -45.24 11.79 -0.40
N HIS D 196 -46.31 11.18 0.08
CA HIS D 196 -47.66 11.37 -0.49
C HIS D 196 -48.64 12.07 0.44
N GLY D 197 -48.17 12.66 1.54
CA GLY D 197 -49.09 13.27 2.49
C GLY D 197 -49.74 12.33 3.47
N ASP D 198 -49.29 11.09 3.53
CA ASP D 198 -49.86 10.10 4.41
C ASP D 198 -48.80 9.00 4.61
N ASN D 199 -49.12 8.03 5.48
CA ASN D 199 -48.29 6.85 5.70
C ASN D 199 -48.84 5.62 5.00
N THR D 200 -49.65 5.80 3.96
CA THR D 200 -50.31 4.67 3.34
C THR D 200 -49.34 3.94 2.42
N THR D 201 -49.02 2.70 2.77
CA THR D 201 -48.26 1.85 1.89
C THR D 201 -48.88 1.87 0.50
N GLN D 202 -48.02 1.91 -0.52
CA GLN D 202 -48.44 1.89 -1.93
C GLN D 202 -47.81 0.69 -2.62
N LEU D 203 -48.63 -0.08 -3.34
CA LEU D 203 -48.19 -1.34 -3.95
C LEU D 203 -47.82 -1.22 -5.42
N LYS D 204 -47.96 -0.02 -5.98
CA LYS D 204 -47.71 0.36 -7.36
C LYS D 204 -46.98 1.69 -7.29
N PRO D 205 -46.12 1.98 -8.26
CA PRO D 205 -45.53 3.32 -8.30
C PRO D 205 -46.61 4.40 -8.29
N LYS D 206 -46.33 5.47 -7.54
CA LYS D 206 -47.24 6.58 -7.36
C LYS D 206 -46.46 7.87 -7.41
N MET D 207 -46.91 8.81 -8.25
CA MET D 207 -46.18 10.05 -8.51
C MET D 207 -46.25 10.97 -7.31
N VAL D 208 -45.09 11.39 -6.84
CA VAL D 208 -44.94 12.34 -5.74
C VAL D 208 -45.36 13.73 -6.22
N LYS D 209 -46.62 14.11 -5.96
CA LYS D 209 -47.18 15.28 -6.67
C LYS D 209 -46.64 16.62 -6.16
N VAL D 210 -46.08 16.66 -4.94
CA VAL D 210 -45.57 17.91 -4.40
C VAL D 210 -44.40 18.44 -5.22
N LEU D 211 -43.58 17.53 -5.78
CA LEU D 211 -42.38 17.92 -6.51
C LEU D 211 -42.65 18.29 -7.95
N LEU D 212 -43.91 18.23 -8.40
CA LEU D 212 -44.19 18.60 -9.78
C LEU D 212 -43.69 19.99 -10.08
N GLY D 213 -43.07 20.14 -11.23
CA GLY D 213 -42.48 21.40 -11.63
C GLY D 213 -41.03 21.57 -11.25
N HIS D 214 -40.52 20.75 -10.32
CA HIS D 214 -39.08 20.54 -10.17
C HIS D 214 -38.66 19.38 -11.05
N ARG D 215 -37.56 19.55 -11.78
N ARG D 215 -37.53 19.53 -11.73
CA ARG D 215 -36.98 18.41 -12.48
CA ARG D 215 -36.95 18.43 -12.50
C ARG D 215 -36.08 17.65 -11.51
C ARG D 215 -36.06 17.63 -11.55
N VAL D 216 -36.62 16.55 -10.98
CA VAL D 216 -35.83 15.69 -10.11
C VAL D 216 -34.84 14.89 -10.96
N ILE D 217 -33.59 14.86 -10.54
CA ILE D 217 -32.57 14.12 -11.27
C ILE D 217 -32.08 12.88 -10.53
N GLN D 218 -32.23 12.81 -9.22
CA GLN D 218 -31.59 11.75 -8.47
C GLN D 218 -32.33 11.55 -7.15
N VAL D 219 -32.52 10.29 -6.77
CA VAL D 219 -33.33 9.97 -5.60
C VAL D 219 -32.59 8.94 -4.76
N ALA D 220 -32.71 9.03 -3.44
CA ALA D 220 -32.06 8.07 -2.58
C ALA D 220 -33.05 7.57 -1.54
N CYS D 221 -32.88 6.32 -1.11
CA CYS D 221 -33.81 5.72 -0.16
C CYS D 221 -33.09 5.17 1.05
N GLY D 222 -33.71 5.32 2.22
CA GLY D 222 -33.15 4.81 3.46
C GLY D 222 -33.65 3.40 3.78
N SER D 223 -33.22 2.92 4.94
CA SER D 223 -33.58 1.60 5.41
C SER D 223 -34.19 1.74 6.80
N ARG D 224 -34.93 0.70 7.22
CA ARG D 224 -35.54 0.67 8.54
C ARG D 224 -36.57 1.79 8.61
N ASP D 225 -36.60 2.57 9.68
CA ASP D 225 -37.43 3.76 9.67
C ASP D 225 -36.72 4.80 8.83
N ALA D 226 -37.18 4.94 7.59
CA ALA D 226 -36.35 5.44 6.51
C ALA D 226 -36.62 6.90 6.18
N GLN D 227 -35.56 7.58 5.76
CA GLN D 227 -35.64 8.83 5.04
C GLN D 227 -35.61 8.60 3.53
N THR D 228 -35.93 9.65 2.79
CA THR D 228 -35.76 9.70 1.34
C THR D 228 -35.17 11.05 0.94
N LEU D 229 -34.34 11.05 -0.08
CA LEU D 229 -33.74 12.29 -0.54
C LEU D 229 -34.02 12.45 -2.03
N ALA D 230 -33.94 13.67 -2.50
CA ALA D 230 -34.17 13.96 -3.91
C ALA D 230 -33.27 15.13 -4.30
N LEU D 231 -32.86 15.15 -5.56
CA LEU D 231 -32.00 16.22 -6.05
C LEU D 231 -32.52 16.70 -7.40
N THR D 232 -32.72 18.00 -7.52
CA THR D 232 -33.28 18.59 -8.72
C THR D 232 -32.16 19.14 -9.56
N ASP D 233 -32.46 19.46 -10.82
CA ASP D 233 -31.39 19.93 -11.69
C ASP D 233 -30.90 21.32 -11.32
N GLU D 234 -31.52 21.99 -10.36
CA GLU D 234 -31.07 23.30 -9.91
C GLU D 234 -30.27 23.22 -8.63
N GLY D 235 -29.96 22.02 -8.17
CA GLY D 235 -29.16 21.85 -6.98
C GLY D 235 -29.94 21.80 -5.69
N LEU D 236 -31.27 21.74 -5.77
CA LEU D 236 -32.10 21.66 -4.58
C LEU D 236 -32.15 20.23 -4.08
N VAL D 237 -31.97 20.05 -2.78
CA VAL D 237 -32.13 18.74 -2.14
C VAL D 237 -33.40 18.75 -1.31
N PHE D 238 -34.19 17.69 -1.46
CA PHE D 238 -35.42 17.51 -0.74
C PHE D 238 -35.31 16.26 0.10
N SER D 239 -36.02 16.24 1.21
CA SER D 239 -35.99 15.08 2.09
C SER D 239 -37.32 14.96 2.81
N TRP D 240 -37.69 13.72 3.09
CA TRP D 240 -38.94 13.45 3.80
C TRP D 240 -38.82 12.05 4.37
N GLY D 241 -39.80 11.67 5.19
CA GLY D 241 -39.75 10.34 5.76
C GLY D 241 -39.51 10.34 7.24
N ASP D 242 -38.84 9.33 7.78
CA ASP D 242 -38.62 9.27 9.22
C ASP D 242 -37.51 10.21 9.65
N GLY D 243 -37.77 11.01 10.67
CA GLY D 243 -36.82 12.03 11.06
C GLY D 243 -35.91 11.71 12.24
N ASP D 244 -35.92 10.45 12.73
CA ASP D 244 -35.08 10.08 13.86
C ASP D 244 -33.61 10.31 13.57
N PHE D 245 -32.91 10.89 14.55
CA PHE D 245 -31.51 11.25 14.47
C PHE D 245 -31.23 12.35 13.45
N GLY D 246 -32.24 13.10 13.05
CA GLY D 246 -31.97 14.27 12.24
C GLY D 246 -31.53 13.96 10.82
N LYS D 247 -31.70 12.71 10.37
CA LYS D 247 -31.31 12.32 9.02
C LYS D 247 -32.12 13.00 7.90
N LEU D 248 -33.12 13.81 8.21
CA LEU D 248 -33.75 14.70 7.24
C LEU D 248 -32.99 16.02 7.09
N GLY D 249 -32.08 16.30 8.00
CA GLY D 249 -31.24 17.45 7.82
C GLY D 249 -31.88 18.75 8.17
N ARG D 250 -33.07 18.76 8.78
CA ARG D 250 -33.69 20.03 9.13
C ARG D 250 -33.74 20.25 10.64
N GLY D 251 -32.98 19.49 11.41
CA GLY D 251 -32.90 19.69 12.84
C GLY D 251 -33.85 18.76 13.59
N GLY D 252 -33.59 18.60 14.88
CA GLY D 252 -34.55 17.85 15.68
C GLY D 252 -34.77 16.42 15.19
N SER D 253 -35.97 15.92 15.38
CA SER D 253 -36.22 14.52 15.06
C SER D 253 -37.55 14.28 14.37
N GLU D 254 -38.36 15.31 14.13
CA GLU D 254 -39.67 15.10 13.53
C GLU D 254 -39.51 14.70 12.08
N GLY D 255 -40.34 13.76 11.64
CA GLY D 255 -40.42 13.33 10.26
C GLY D 255 -41.48 14.09 9.51
N CYS D 256 -41.84 13.58 8.33
CA CYS D 256 -42.91 14.23 7.57
C CYS D 256 -43.33 13.37 6.40
N ASN D 257 -44.40 13.79 5.73
CA ASN D 257 -45.00 13.11 4.59
C ASN D 257 -44.71 13.81 3.27
N ILE D 258 -44.02 14.93 3.30
CA ILE D 258 -44.01 15.87 2.20
C ILE D 258 -42.56 16.19 1.93
N PRO D 259 -42.12 16.21 0.68
CA PRO D 259 -40.77 16.71 0.39
C PRO D 259 -40.56 18.12 0.92
N GLN D 260 -39.40 18.30 1.56
CA GLN D 260 -39.04 19.50 2.26
C GLN D 260 -37.64 19.86 1.79
N ASN D 261 -37.44 21.12 1.44
CA ASN D 261 -36.11 21.55 1.05
C ASN D 261 -35.17 21.45 2.24
N ILE D 262 -33.97 20.91 2.03
CA ILE D 262 -32.91 21.02 3.02
C ILE D 262 -32.20 22.34 2.76
N GLU D 263 -32.63 23.39 3.48
CA GLU D 263 -32.21 24.74 3.15
C GLU D 263 -30.69 24.87 3.15
N ARG D 264 -29.99 24.14 4.02
CA ARG D 264 -28.55 24.37 4.12
C ARG D 264 -27.83 24.04 2.81
N LEU D 265 -28.24 22.96 2.13
CA LEU D 265 -27.53 22.54 0.94
C LEU D 265 -27.73 23.45 -0.25
N ASN D 266 -28.63 24.44 -0.16
CA ASN D 266 -29.02 25.20 -1.34
C ASN D 266 -27.83 25.95 -1.90
N GLY D 267 -27.58 25.79 -3.20
CA GLY D 267 -26.45 26.46 -3.81
C GLY D 267 -25.09 25.91 -3.43
N GLN D 268 -25.00 24.82 -2.70
CA GLN D 268 -23.74 24.12 -2.53
C GLN D 268 -23.35 23.31 -3.76
N GLY D 269 -24.25 23.15 -4.71
CA GLY D 269 -23.93 22.41 -5.91
C GLY D 269 -23.94 20.92 -5.70
N VAL D 270 -24.86 20.40 -4.87
CA VAL D 270 -24.96 18.96 -4.69
C VAL D 270 -25.21 18.30 -6.03
N CYS D 271 -24.47 17.24 -6.31
CA CYS D 271 -24.64 16.47 -7.53
C CYS D 271 -24.78 14.97 -7.27
N GLN D 272 -24.68 14.53 -6.01
CA GLN D 272 -24.89 13.13 -5.68
C GLN D 272 -25.31 12.98 -4.22
N ILE D 273 -26.34 12.17 -4.01
CA ILE D 273 -26.94 11.95 -2.71
C ILE D 273 -27.12 10.44 -2.51
N GLU D 274 -26.86 9.98 -1.29
CA GLU D 274 -26.92 8.57 -0.93
C GLU D 274 -27.57 8.47 0.42
N CYS D 275 -28.11 7.30 0.72
CA CYS D 275 -28.69 7.06 2.03
C CYS D 275 -28.10 5.79 2.61
N GLY D 276 -27.38 5.92 3.72
CA GLY D 276 -26.82 4.77 4.38
C GLY D 276 -27.86 4.10 5.24
N ALA D 277 -27.47 3.71 6.45
CA ALA D 277 -28.41 3.29 7.48
C ALA D 277 -28.55 4.41 8.51
N GLN D 278 -29.71 5.07 8.49
CA GLN D 278 -30.07 6.13 9.43
C GLN D 278 -29.20 7.37 9.25
N PHE D 279 -28.63 7.56 8.06
CA PHE D 279 -27.88 8.79 7.80
C PHE D 279 -27.90 9.09 6.30
N SER D 280 -27.41 10.28 5.96
CA SER D 280 -27.49 10.78 4.60
C SER D 280 -26.16 11.38 4.19
N LEU D 281 -25.86 11.30 2.90
CA LEU D 281 -24.60 11.80 2.39
C LEU D 281 -24.87 12.63 1.15
N ALA D 282 -24.14 13.74 1.03
CA ALA D 282 -24.22 14.59 -0.15
C ALA D 282 -22.82 14.94 -0.65
N LEU D 283 -22.64 14.88 -1.97
CA LEU D 283 -21.38 15.25 -2.62
C LEU D 283 -21.64 16.40 -3.57
N THR D 284 -20.84 17.46 -3.48
CA THR D 284 -21.02 18.60 -4.37
C THR D 284 -20.13 18.46 -5.61
N LYS D 285 -20.34 19.37 -6.57
CA LYS D 285 -19.50 19.44 -7.77
C LYS D 285 -18.09 19.88 -7.42
N SER D 286 -17.94 20.76 -6.43
CA SER D 286 -16.63 21.23 -6.03
C SER D 286 -15.83 20.21 -5.22
N GLY D 287 -16.38 19.03 -4.93
CA GLY D 287 -15.64 17.99 -4.23
C GLY D 287 -15.88 17.89 -2.74
N VAL D 288 -16.86 18.59 -2.21
CA VAL D 288 -17.09 18.66 -0.79
C VAL D 288 -18.08 17.58 -0.41
N VAL D 289 -17.95 17.00 0.78
CA VAL D 289 -18.86 15.96 1.23
C VAL D 289 -19.58 16.45 2.49
N TRP D 290 -20.89 16.23 2.52
CA TRP D 290 -21.76 16.58 3.63
C TRP D 290 -22.40 15.30 4.17
N THR D 291 -22.44 15.16 5.50
CA THR D 291 -23.18 14.06 6.10
C THR D 291 -24.05 14.56 7.24
N TRP D 292 -25.09 13.81 7.51
CA TRP D 292 -25.96 14.08 8.63
C TRP D 292 -26.79 12.83 8.85
N GLY D 293 -27.26 12.69 10.09
CA GLY D 293 -28.01 11.53 10.54
C GLY D 293 -27.46 10.94 11.82
N LYS D 294 -27.65 9.63 11.99
CA LYS D 294 -27.25 8.94 13.20
C LYS D 294 -25.73 8.88 13.32
N GLY D 295 -25.20 9.23 14.49
CA GLY D 295 -23.77 9.32 14.63
C GLY D 295 -23.09 8.09 15.11
N ASP D 296 -23.85 7.08 15.56
CA ASP D 296 -23.25 5.94 16.23
C ASP D 296 -22.35 5.16 15.29
N TYR D 297 -21.21 4.72 15.81
CA TYR D 297 -20.21 3.95 15.08
C TYR D 297 -19.50 4.75 13.99
N PHE D 298 -19.57 6.08 14.06
CA PHE D 298 -18.71 6.97 13.28
C PHE D 298 -19.03 6.89 11.80
N ARG D 299 -20.30 6.62 11.48
CA ARG D 299 -20.67 6.50 10.09
C ARG D 299 -20.70 7.85 9.39
N LEU D 300 -20.67 8.95 10.15
CA LEU D 300 -20.75 10.28 9.53
C LEU D 300 -19.37 10.88 9.24
N GLY D 301 -18.30 10.39 9.89
CA GLY D 301 -16.96 10.82 9.57
C GLY D 301 -16.49 12.11 10.19
N HIS D 302 -17.06 12.49 11.34
CA HIS D 302 -16.70 13.73 11.99
C HIS D 302 -15.81 13.53 13.21
N GLY D 303 -15.40 12.29 13.50
CA GLY D 303 -14.40 12.02 14.51
C GLY D 303 -14.96 11.73 15.88
N SER D 304 -16.24 11.95 16.08
CA SER D 304 -16.93 11.50 17.26
C SER D 304 -18.31 11.00 16.83
N ASP D 305 -18.98 10.35 17.78
CA ASP D 305 -20.14 9.54 17.46
C ASP D 305 -21.46 10.21 17.86
N VAL D 306 -21.48 11.56 17.90
CA VAL D 306 -22.72 12.26 18.23
C VAL D 306 -23.55 12.31 16.95
N HIS D 307 -24.83 12.64 17.06
CA HIS D 307 -25.61 12.78 15.86
C HIS D 307 -25.38 14.16 15.23
N VAL D 308 -25.75 14.29 13.95
CA VAL D 308 -25.67 15.55 13.22
C VAL D 308 -27.00 15.78 12.52
N ARG D 309 -27.78 16.75 12.99
CA ARG D 309 -29.15 16.90 12.50
C ARG D 309 -29.29 17.94 11.38
N LYS D 310 -28.21 18.57 10.94
CA LYS D 310 -28.19 19.46 9.76
C LYS D 310 -26.87 19.30 9.04
N PRO D 311 -26.88 19.22 7.70
CA PRO D 311 -25.69 18.74 6.94
C PRO D 311 -24.38 19.47 7.28
N GLN D 312 -23.35 18.68 7.56
CA GLN D 312 -22.05 19.25 7.92
C GLN D 312 -20.98 18.74 6.98
N VAL D 313 -20.15 19.67 6.48
CA VAL D 313 -18.99 19.30 5.69
C VAL D 313 -18.16 18.26 6.42
N VAL D 314 -17.76 17.22 5.71
CA VAL D 314 -16.81 16.29 6.30
C VAL D 314 -15.46 16.97 6.29
N GLU D 315 -15.08 17.57 7.43
CA GLU D 315 -13.90 18.42 7.42
C GLU D 315 -12.63 17.63 7.13
N GLY D 316 -12.55 16.38 7.59
CA GLY D 316 -11.36 15.60 7.30
C GLY D 316 -11.19 15.19 5.85
N LEU D 317 -11.80 15.94 4.94
CA LEU D 317 -11.63 15.77 3.51
C LEU D 317 -11.49 17.11 2.82
N ARG D 318 -11.21 18.19 3.57
CA ARG D 318 -11.03 19.49 2.96
C ARG D 318 -9.79 19.51 2.08
N GLY D 319 -9.87 20.29 1.00
CA GLY D 319 -8.78 20.35 0.04
C GLY D 319 -8.53 19.05 -0.70
N LYS D 320 -9.27 17.99 -0.39
CA LYS D 320 -9.24 16.75 -1.16
C LYS D 320 -10.48 16.74 -2.03
N LYS D 321 -10.31 16.99 -3.33
CA LYS D 321 -11.46 17.04 -4.21
C LYS D 321 -11.98 15.64 -4.40
N ILE D 322 -13.23 15.41 -4.00
CA ILE D 322 -13.84 14.09 -4.02
C ILE D 322 -14.69 13.97 -5.26
N VAL D 323 -14.40 12.96 -6.08
CA VAL D 323 -15.10 12.76 -7.34
C VAL D 323 -16.10 11.63 -7.28
N HIS D 324 -16.12 10.84 -6.19
CA HIS D 324 -17.15 9.83 -6.10
C HIS D 324 -17.30 9.38 -4.66
N VAL D 325 -18.53 9.05 -4.28
CA VAL D 325 -18.81 8.52 -2.95
C VAL D 325 -19.73 7.32 -3.03
N ALA D 326 -19.61 6.42 -2.05
CA ALA D 326 -20.62 5.41 -1.83
C ALA D 326 -20.80 5.19 -0.34
N VAL D 327 -22.01 4.84 0.07
CA VAL D 327 -22.24 4.44 1.46
C VAL D 327 -22.71 2.99 1.53
N GLY D 328 -22.31 2.34 2.63
CA GLY D 328 -22.88 1.10 3.10
C GLY D 328 -23.81 1.32 4.28
N ALA D 329 -23.94 0.30 5.12
CA ALA D 329 -24.74 0.50 6.31
C ALA D 329 -24.03 1.47 7.25
N LEU D 330 -22.85 1.14 7.77
CA LEU D 330 -22.20 2.01 8.74
C LEU D 330 -20.83 2.48 8.26
N HIS D 331 -20.63 2.55 6.94
CA HIS D 331 -19.36 3.03 6.43
C HIS D 331 -19.59 3.79 5.13
N CYS D 332 -18.63 4.65 4.80
CA CYS D 332 -18.61 5.38 3.54
C CYS D 332 -17.27 5.24 2.87
N LEU D 333 -17.24 5.52 1.55
CA LEU D 333 -16.03 5.57 0.74
C LEU D 333 -16.03 6.85 -0.09
N ALA D 334 -14.91 7.60 -0.04
CA ALA D 334 -14.65 8.78 -0.86
C ALA D 334 -13.47 8.54 -1.79
N VAL D 335 -13.63 8.88 -3.07
CA VAL D 335 -12.56 8.79 -4.07
C VAL D 335 -12.07 10.18 -4.44
N THR D 336 -10.76 10.38 -4.41
CA THR D 336 -10.22 11.68 -4.76
C THR D 336 -9.90 11.79 -6.26
N ASP D 337 -9.80 13.03 -6.74
CA ASP D 337 -9.53 13.20 -8.15
C ASP D 337 -8.18 12.65 -8.54
N SER D 338 -7.38 12.21 -7.57
CA SER D 338 -6.08 11.60 -7.83
C SER D 338 -6.10 10.08 -7.72
N GLY D 339 -7.26 9.47 -7.52
CA GLY D 339 -7.40 8.03 -7.50
C GLY D 339 -7.35 7.37 -6.15
N GLN D 340 -7.23 8.14 -5.06
CA GLN D 340 -7.22 7.59 -3.71
C GLN D 340 -8.61 7.34 -3.20
N VAL D 341 -8.70 6.49 -2.18
CA VAL D 341 -9.97 6.16 -1.54
C VAL D 341 -9.83 6.38 -0.04
N TYR D 342 -10.73 7.18 0.52
CA TYR D 342 -10.77 7.44 1.96
C TYR D 342 -12.02 6.80 2.54
N ALA D 343 -11.92 6.30 3.78
CA ALA D 343 -13.05 5.56 4.30
C ALA D 343 -13.24 5.82 5.78
N TRP D 344 -14.50 6.03 6.17
CA TRP D 344 -14.82 6.20 7.57
C TRP D 344 -16.03 5.36 7.91
N GLY D 345 -16.13 4.95 9.18
CA GLY D 345 -17.25 4.21 9.69
C GLY D 345 -16.83 2.96 10.44
N ASP D 346 -17.82 2.11 10.70
CA ASP D 346 -17.62 0.90 11.47
C ASP D 346 -16.72 -0.06 10.72
N ASN D 347 -16.08 -0.96 11.47
CA ASN D 347 -15.09 -1.84 10.88
C ASN D 347 -15.16 -3.25 11.43
N ASP D 348 -16.33 -3.67 11.90
CA ASP D 348 -16.49 -5.02 12.40
C ASP D 348 -16.09 -6.08 11.38
N HIS D 349 -16.11 -5.77 10.08
CA HIS D 349 -15.81 -6.81 9.11
C HIS D 349 -14.72 -6.39 8.12
N GLY D 350 -13.83 -5.46 8.50
CA GLY D 350 -12.74 -5.04 7.63
C GLY D 350 -13.11 -4.13 6.49
N GLN D 351 -14.39 -3.72 6.38
CA GLN D 351 -14.83 -2.85 5.28
C GLN D 351 -14.17 -1.49 5.30
N GLN D 352 -13.51 -1.08 6.40
CA GLN D 352 -12.76 0.16 6.35
C GLN D 352 -11.49 0.02 5.52
N GLY D 353 -11.03 -1.22 5.33
CA GLY D 353 -9.87 -1.49 4.51
C GLY D 353 -8.58 -1.03 5.13
N ASN D 354 -8.51 -0.96 6.47
CA ASN D 354 -7.30 -0.55 7.15
C ASN D 354 -6.55 -1.73 7.73
N GLY D 355 -6.79 -2.94 7.21
CA GLY D 355 -6.06 -4.09 7.64
C GLY D 355 -6.37 -4.58 9.03
N THR D 356 -7.25 -3.90 9.74
CA THR D 356 -7.80 -4.47 10.96
C THR D 356 -9.30 -4.33 10.95
N THR D 357 -9.89 -4.60 12.12
CA THR D 357 -11.30 -4.35 12.40
C THR D 357 -11.51 -3.12 13.28
N THR D 358 -10.55 -2.21 13.34
CA THR D 358 -10.65 -1.04 14.18
C THR D 358 -11.39 0.06 13.45
N VAL D 359 -12.23 0.79 14.19
CA VAL D 359 -13.11 1.75 13.54
C VAL D 359 -12.27 2.93 12.97
N ASN D 360 -12.82 3.60 11.96
CA ASN D 360 -12.18 4.78 11.37
C ASN D 360 -13.06 5.98 11.71
N ARG D 361 -12.67 6.74 12.75
CA ARG D 361 -13.50 7.86 13.23
C ARG D 361 -13.49 9.03 12.28
N LYS D 362 -12.37 9.26 11.58
CA LYS D 362 -12.32 10.29 10.55
C LYS D 362 -12.07 9.59 9.24
N PRO D 363 -12.19 10.26 8.09
CA PRO D 363 -11.77 9.65 6.83
C PRO D 363 -10.31 9.23 6.87
N THR D 364 -10.06 7.96 6.56
CA THR D 364 -8.73 7.37 6.60
C THR D 364 -8.38 6.77 5.25
N LEU D 365 -7.16 7.05 4.80
CA LEU D 365 -6.69 6.56 3.51
C LEU D 365 -6.63 5.04 3.52
N VAL D 366 -7.29 4.42 2.54
CA VAL D 366 -7.36 2.97 2.43
C VAL D 366 -6.03 2.42 1.94
N GLN D 367 -5.58 1.32 2.53
CA GLN D 367 -4.22 0.88 2.30
C GLN D 367 -4.12 -0.05 1.11
N GLY D 368 -2.90 -0.16 0.58
CA GLY D 368 -2.55 -1.15 -0.43
C GLY D 368 -3.34 -1.06 -1.73
N LEU D 369 -3.61 0.16 -2.20
CA LEU D 369 -4.10 0.41 -3.54
C LEU D 369 -3.20 1.35 -4.33
N GLU D 370 -1.98 1.62 -3.86
CA GLU D 370 -1.09 2.52 -4.57
C GLU D 370 -0.83 1.97 -5.96
N GLY D 371 -0.82 2.88 -6.94
CA GLY D 371 -0.78 2.50 -8.32
C GLY D 371 -2.13 2.29 -8.96
N GLN D 372 -3.18 2.13 -8.18
CA GLN D 372 -4.51 2.03 -8.75
C GLN D 372 -5.16 3.40 -8.70
N LYS D 373 -5.52 3.93 -9.87
CA LYS D 373 -6.25 5.19 -9.98
C LYS D 373 -7.75 4.88 -9.94
N ILE D 374 -8.26 4.69 -8.73
CA ILE D 374 -9.68 4.42 -8.55
C ILE D 374 -10.53 5.65 -8.89
N THR D 375 -11.62 5.43 -9.62
CA THR D 375 -12.57 6.49 -9.97
C THR D 375 -14.01 6.27 -9.54
N ARG D 376 -14.43 5.03 -9.20
CA ARG D 376 -15.78 4.72 -8.78
C ARG D 376 -15.70 3.79 -7.58
N VAL D 377 -16.63 3.96 -6.63
CA VAL D 377 -16.70 3.05 -5.48
C VAL D 377 -18.15 2.60 -5.28
N ALA D 378 -18.27 1.49 -4.56
CA ALA D 378 -19.56 0.94 -4.18
C ALA D 378 -19.43 0.25 -2.82
N CYS D 379 -20.57 0.10 -2.13
CA CYS D 379 -20.61 -0.56 -0.83
C CYS D 379 -21.84 -1.41 -0.76
N GLY D 380 -21.81 -2.37 0.16
CA GLY D 380 -22.97 -3.15 0.54
C GLY D 380 -23.19 -2.97 2.03
N SER D 381 -23.92 -3.86 2.69
CA SER D 381 -24.13 -3.68 4.12
C SER D 381 -22.81 -3.57 4.88
N SER D 382 -21.94 -4.56 4.70
CA SER D 382 -20.67 -4.62 5.42
C SER D 382 -19.48 -4.77 4.49
N HIS D 383 -19.59 -4.39 3.22
CA HIS D 383 -18.49 -4.65 2.31
C HIS D 383 -18.28 -3.49 1.36
N SER D 384 -17.09 -3.48 0.74
CA SER D 384 -16.59 -2.37 -0.05
C SER D 384 -16.16 -2.83 -1.44
N VAL D 385 -16.31 -1.94 -2.41
CA VAL D 385 -15.87 -2.19 -3.78
C VAL D 385 -15.24 -0.90 -4.34
N ALA D 386 -14.15 -1.03 -5.09
CA ALA D 386 -13.49 0.11 -5.72
C ALA D 386 -12.83 -0.32 -7.02
N TRP D 387 -12.90 0.51 -8.07
CA TRP D 387 -12.43 -0.01 -9.34
C TRP D 387 -12.01 1.12 -10.27
N THR D 388 -11.22 0.76 -11.28
CA THR D 388 -10.67 1.68 -12.27
C THR D 388 -11.35 1.46 -13.61
N THR D 389 -10.93 2.26 -14.59
CA THR D 389 -11.45 2.14 -15.97
C THR D 389 -10.37 2.38 -17.04
N THR E 22 28.09 -20.17 17.58
CA THR E 22 26.79 -19.49 17.37
C THR E 22 26.88 -18.17 16.61
N LYS E 23 26.26 -18.09 15.44
CA LYS E 23 26.41 -16.95 14.56
C LYS E 23 25.41 -15.85 14.89
N VAL E 24 25.87 -14.61 14.90
CA VAL E 24 25.08 -13.43 15.28
C VAL E 24 25.19 -12.36 14.21
N PHE E 25 24.04 -11.90 13.72
CA PHE E 25 23.93 -10.85 12.73
C PHE E 25 23.26 -9.65 13.35
N VAL E 26 23.67 -8.45 12.94
CA VAL E 26 23.09 -7.23 13.48
C VAL E 26 22.92 -6.20 12.38
N TRP E 27 21.99 -5.28 12.61
CA TRP E 27 21.75 -4.22 11.65
C TRP E 27 20.95 -3.12 12.36
N GLY E 28 20.74 -2.03 11.65
CA GLY E 28 20.08 -0.91 12.29
C GLY E 28 20.99 0.26 12.54
N LEU E 29 20.67 1.08 13.55
CA LEU E 29 21.45 2.28 13.83
C LEU E 29 22.74 1.92 14.56
N ASN E 30 23.85 2.55 14.15
CA ASN E 30 25.18 2.28 14.71
C ASN E 30 25.90 3.59 14.97
N ASP E 31 25.18 4.63 15.38
CA ASP E 31 25.86 5.91 15.53
C ASP E 31 26.66 5.99 16.83
N LYS E 32 26.21 5.30 17.88
CA LYS E 32 27.01 5.17 19.10
C LYS E 32 27.65 3.78 19.20
N ASP E 33 27.87 3.13 18.05
CA ASP E 33 28.51 1.82 17.92
C ASP E 33 27.74 0.75 18.67
N GLN E 34 26.43 0.91 18.73
CA GLN E 34 25.68 -0.11 19.43
C GLN E 34 25.68 -1.45 18.71
N LEU E 35 26.09 -1.51 17.45
CA LEU E 35 26.14 -2.83 16.82
C LEU E 35 27.42 -3.59 17.16
N GLY E 36 28.30 -3.01 17.96
CA GLY E 36 29.43 -3.76 18.45
C GLY E 36 30.67 -3.66 17.62
N GLY E 37 30.71 -2.77 16.64
CA GLY E 37 31.95 -2.58 15.93
C GLY E 37 31.81 -2.76 14.43
N LEU E 38 30.93 -2.00 13.82
CA LEU E 38 30.81 -2.00 12.38
C LEU E 38 31.06 -0.58 11.89
N LYS E 39 31.56 -0.47 10.66
CA LYS E 39 31.79 0.82 10.04
C LYS E 39 30.48 1.28 9.41
N GLY E 40 30.02 2.46 9.79
CA GLY E 40 28.77 2.97 9.26
C GLY E 40 27.81 3.42 10.33
N SER E 41 27.04 4.48 10.05
CA SER E 41 26.09 4.97 11.04
C SER E 41 24.76 4.23 11.01
N LYS E 42 24.33 3.79 9.81
CA LYS E 42 23.16 2.94 9.61
C LYS E 42 23.64 1.69 8.92
N ILE E 43 23.20 0.54 9.38
CA ILE E 43 23.55 -0.75 8.77
C ILE E 43 22.26 -1.31 8.19
N LYS E 44 22.03 -1.09 6.91
CA LYS E 44 20.72 -1.38 6.33
C LYS E 44 20.44 -2.86 6.10
N VAL E 45 21.46 -3.70 5.97
CA VAL E 45 21.20 -5.13 5.79
C VAL E 45 21.78 -5.88 6.98
N PRO E 46 21.24 -7.05 7.32
CA PRO E 46 21.81 -7.82 8.43
C PRO E 46 23.26 -8.13 8.12
N SER E 47 24.07 -8.20 9.16
CA SER E 47 25.51 -8.19 8.98
C SER E 47 26.16 -9.01 10.07
N PHE E 48 27.24 -9.69 9.72
CA PHE E 48 27.79 -10.69 10.62
C PHE E 48 28.68 -10.00 11.65
N SER E 49 28.33 -10.11 12.91
CA SER E 49 29.07 -9.42 13.95
C SER E 49 30.14 -10.38 14.42
N GLU E 50 31.36 -10.18 13.92
CA GLU E 50 32.47 -11.04 14.34
C GLU E 50 32.68 -10.95 15.84
N THR E 51 32.55 -9.75 16.40
CA THR E 51 32.72 -9.61 17.85
C THR E 51 31.70 -10.48 18.59
N LEU E 52 30.40 -10.25 18.34
CA LEU E 52 29.33 -10.92 19.08
C LEU E 52 29.27 -12.42 18.78
N SER E 53 29.58 -12.83 17.55
CA SER E 53 29.52 -14.24 17.26
C SER E 53 30.57 -15.01 18.05
N ALA E 54 31.73 -14.40 18.31
CA ALA E 54 32.77 -15.03 19.09
C ALA E 54 32.34 -15.32 20.53
N LEU E 55 31.38 -14.59 21.07
CA LEU E 55 31.00 -14.66 22.48
C LEU E 55 30.16 -15.87 22.86
N ASN E 56 29.72 -16.68 21.90
CA ASN E 56 28.84 -17.83 22.17
C ASN E 56 27.62 -17.42 22.97
N VAL E 57 26.84 -16.51 22.40
CA VAL E 57 25.72 -15.94 23.14
C VAL E 57 24.59 -16.95 23.21
N VAL E 58 23.86 -16.88 24.31
CA VAL E 58 22.57 -17.52 24.48
C VAL E 58 21.52 -16.42 24.44
N GLN E 59 21.89 -15.20 24.86
CA GLN E 59 20.94 -14.10 24.80
C GLN E 59 21.61 -12.80 24.39
N VAL E 60 20.90 -12.05 23.53
CA VAL E 60 21.23 -10.68 23.15
C VAL E 60 20.04 -9.80 23.54
N ALA E 61 20.34 -8.57 23.95
CA ALA E 61 19.34 -7.67 24.50
C ALA E 61 19.69 -6.25 24.10
N GLY E 62 18.70 -5.50 23.64
CA GLY E 62 18.93 -4.20 23.05
C GLY E 62 18.19 -3.12 23.82
N GLY E 63 18.89 -2.06 24.13
CA GLY E 63 18.23 -0.96 24.82
C GLY E 63 18.39 0.28 23.99
N SER E 64 18.40 1.42 24.65
CA SER E 64 18.42 2.68 23.93
C SER E 64 19.85 2.88 23.44
N LYS E 65 20.08 2.61 22.15
CA LYS E 65 21.41 2.72 21.54
C LYS E 65 22.42 1.87 22.31
N SER E 66 21.95 0.75 22.87
CA SER E 66 22.73 -0.12 23.75
C SER E 66 22.53 -1.58 23.35
N LEU E 67 23.48 -2.43 23.76
CA LEU E 67 23.43 -3.83 23.40
C LEU E 67 24.06 -4.67 24.51
N PHE E 68 23.43 -5.80 24.86
CA PHE E 68 23.93 -6.71 25.89
C PHE E 68 23.94 -8.14 25.38
N ALA E 69 24.94 -8.92 25.77
CA ALA E 69 25.03 -10.31 25.33
C ALA E 69 25.37 -11.23 26.50
N VAL E 70 24.72 -12.39 26.56
CA VAL E 70 24.87 -13.30 27.69
C VAL E 70 25.53 -14.58 27.18
N THR E 71 26.78 -14.82 27.56
CA THR E 71 27.50 -15.99 27.07
C THR E 71 26.89 -17.25 27.66
N VAL E 72 27.18 -18.38 27.00
CA VAL E 72 26.77 -19.69 27.48
C VAL E 72 27.40 -20.04 28.82
N GLU E 73 28.43 -19.30 29.22
CA GLU E 73 29.03 -19.48 30.53
C GLU E 73 28.66 -18.36 31.50
N GLY E 74 27.65 -17.55 31.17
CA GLY E 74 27.11 -16.61 32.13
C GLY E 74 27.82 -15.28 32.24
N LYS E 75 28.77 -14.99 31.35
CA LYS E 75 29.33 -13.64 31.31
C LYS E 75 28.37 -12.73 30.55
N VAL E 76 28.47 -11.43 30.83
CA VAL E 76 27.63 -10.43 30.20
C VAL E 76 28.54 -9.36 29.59
N TYR E 77 28.34 -9.05 28.31
CA TYR E 77 29.10 -8.02 27.62
C TYR E 77 28.13 -6.96 27.13
N ALA E 78 28.62 -5.73 27.04
CA ALA E 78 27.80 -4.62 26.57
C ALA E 78 28.60 -3.76 25.61
N CYS E 79 27.87 -2.97 24.81
CA CYS E 79 28.45 -2.01 23.90
C CYS E 79 27.38 -0.98 23.55
N GLY E 80 27.84 0.17 23.05
CA GLY E 80 26.95 1.26 22.67
C GLY E 80 27.12 2.52 23.47
N GLU E 81 26.09 3.37 23.53
CA GLU E 81 26.15 4.56 24.36
C GLU E 81 26.23 4.17 25.84
N ALA E 82 27.10 4.85 26.58
CA ALA E 82 27.34 4.57 27.99
C ALA E 82 26.82 5.65 28.93
N THR E 83 26.11 6.65 28.40
CA THR E 83 25.47 7.68 29.21
C THR E 83 24.46 7.07 30.18
N ASN E 84 24.38 7.68 31.37
CA ASN E 84 23.55 7.26 32.50
C ASN E 84 24.00 5.94 33.09
N GLY E 85 25.20 5.49 32.75
CA GLY E 85 25.66 4.19 33.19
C GLY E 85 24.76 3.08 32.73
N ARG E 86 24.24 3.16 31.51
CA ARG E 86 23.25 2.18 31.10
C ARG E 86 23.89 0.84 30.73
N LEU E 87 25.20 0.78 30.60
CA LEU E 87 25.92 -0.44 30.26
C LEU E 87 26.55 -1.08 31.48
N GLY E 88 26.38 -0.47 32.65
CA GLY E 88 26.93 -1.04 33.88
C GLY E 88 28.42 -1.27 33.85
N LEU E 89 29.18 -0.39 33.19
CA LEU E 89 30.61 -0.59 33.08
C LEU E 89 31.38 0.48 33.84
N GLY E 90 30.81 0.98 34.95
CA GLY E 90 31.46 1.97 35.80
C GLY E 90 31.57 3.37 35.21
N ILE E 91 31.05 3.60 34.02
CA ILE E 91 31.14 4.88 33.32
C ILE E 91 29.74 5.46 33.13
N SER E 92 29.70 6.77 32.89
CA SER E 92 28.44 7.46 32.65
C SER E 92 28.52 8.41 31.46
N SER E 93 29.50 8.22 30.58
CA SER E 93 29.68 9.09 29.42
C SER E 93 30.62 8.42 28.42
N GLY E 94 30.40 8.73 27.14
CA GLY E 94 31.14 8.12 26.06
C GLY E 94 30.39 6.96 25.44
N THR E 95 31.07 6.26 24.53
CA THR E 95 30.55 5.03 23.93
C THR E 95 31.56 3.91 24.10
N VAL E 96 31.09 2.69 23.97
CA VAL E 96 31.94 1.51 24.08
C VAL E 96 31.87 0.79 22.73
N PRO E 97 32.77 1.08 21.79
CA PRO E 97 32.57 0.59 20.43
C PRO E 97 32.75 -0.91 20.28
N ILE E 98 33.41 -1.58 21.22
CA ILE E 98 33.61 -3.02 21.18
C ILE E 98 32.93 -3.65 22.38
N PRO E 99 32.20 -4.76 22.22
CA PRO E 99 31.64 -5.44 23.39
C PRO E 99 32.67 -5.65 24.49
N ARG E 100 32.32 -5.22 25.70
CA ARG E 100 33.22 -5.25 26.83
C ARG E 100 32.52 -5.91 28.00
N GLN E 101 33.26 -6.77 28.73
CA GLN E 101 32.64 -7.60 29.75
C GLN E 101 32.28 -6.80 30.98
N ILE E 102 31.06 -7.00 31.47
CA ILE E 102 30.67 -6.44 32.76
C ILE E 102 31.39 -7.23 33.83
N THR E 103 32.54 -6.72 34.28
CA THR E 103 33.36 -7.46 35.23
C THR E 103 32.79 -7.41 36.64
N ALA E 104 31.77 -6.60 36.86
CA ALA E 104 31.09 -6.63 38.15
C ALA E 104 30.42 -7.98 38.37
N LEU E 105 29.87 -8.57 37.32
CA LEU E 105 29.09 -9.80 37.41
C LEU E 105 29.91 -11.05 37.09
N SER E 106 31.24 -10.98 37.26
CA SER E 106 32.11 -12.10 36.88
C SER E 106 31.97 -13.28 37.81
N SER E 107 31.76 -13.02 39.09
CA SER E 107 31.58 -14.07 40.07
C SER E 107 30.32 -14.87 39.85
N TYR E 108 29.38 -14.37 39.06
CA TYR E 108 28.03 -14.90 38.99
C TYR E 108 27.73 -15.41 37.59
N VAL E 109 26.83 -16.38 37.49
CA VAL E 109 26.42 -16.96 36.21
C VAL E 109 25.06 -16.37 35.86
N VAL E 110 25.06 -15.40 34.95
CA VAL E 110 23.84 -14.69 34.55
C VAL E 110 23.12 -15.50 33.49
N LYS E 111 21.80 -15.70 33.66
CA LYS E 111 21.03 -16.37 32.62
C LYS E 111 20.19 -15.43 31.77
N LYS E 112 19.95 -14.20 32.19
CA LYS E 112 19.16 -13.28 31.37
C LYS E 112 19.51 -11.84 31.72
N VAL E 113 19.51 -10.99 30.70
CA VAL E 113 19.56 -9.54 30.86
C VAL E 113 18.25 -8.97 30.36
N ALA E 114 17.59 -8.17 31.19
CA ALA E 114 16.32 -7.52 30.86
C ALA E 114 16.55 -6.03 30.73
N VAL E 115 16.32 -5.49 29.53
CA VAL E 115 16.37 -4.05 29.33
C VAL E 115 15.21 -3.72 28.40
N HIS E 116 14.72 -2.48 28.46
CA HIS E 116 13.73 -2.02 27.50
C HIS E 116 14.36 -1.44 26.25
N SER E 117 13.69 -1.68 25.11
CA SER E 117 14.20 -1.20 23.84
C SER E 117 14.52 0.30 23.89
N GLY E 118 13.74 1.07 24.63
CA GLY E 118 14.08 2.47 24.87
C GLY E 118 14.54 2.74 26.29
N GLY E 119 15.23 1.77 26.89
CA GLY E 119 15.60 1.82 28.30
C GLY E 119 16.99 2.34 28.54
N ARG E 120 17.16 3.03 29.67
CA ARG E 120 18.48 3.44 30.14
C ARG E 120 18.93 2.69 31.41
N HIS E 121 18.20 1.66 31.81
CA HIS E 121 18.60 0.80 32.90
C HIS E 121 18.24 -0.63 32.52
N ALA E 122 18.87 -1.58 33.22
CA ALA E 122 18.71 -2.99 32.92
C ALA E 122 18.78 -3.77 34.22
N THR E 123 18.38 -5.05 34.14
CA THR E 123 18.56 -6.01 35.21
C THR E 123 19.13 -7.30 34.68
N ALA E 124 19.90 -7.98 35.53
CA ALA E 124 20.46 -9.30 35.26
C ALA E 124 19.94 -10.30 36.29
N LEU E 125 19.56 -11.49 35.81
CA LEU E 125 19.11 -12.57 36.67
C LEU E 125 20.09 -13.74 36.56
N THR E 126 20.64 -14.16 37.71
CA THR E 126 21.59 -15.27 37.78
C THR E 126 20.86 -16.61 37.67
N VAL E 127 21.63 -17.70 37.68
CA VAL E 127 20.97 -18.98 37.50
C VAL E 127 20.35 -19.48 38.79
N ASP E 128 20.84 -19.00 39.94
CA ASP E 128 20.24 -19.37 41.21
C ASP E 128 19.27 -18.30 41.70
N GLY E 129 18.86 -17.38 40.83
CA GLY E 129 17.74 -16.48 41.10
C GLY E 129 18.08 -15.11 41.66
N LYS E 130 19.36 -14.77 41.79
CA LYS E 130 19.75 -13.45 42.24
C LYS E 130 19.56 -12.44 41.11
N VAL E 131 19.16 -11.22 41.47
CA VAL E 131 18.92 -10.14 40.50
C VAL E 131 19.82 -8.95 40.80
N PHE E 132 20.52 -8.47 39.78
CA PHE E 132 21.33 -7.25 39.83
C PHE E 132 20.74 -6.21 38.89
N SER E 133 20.89 -4.93 39.27
CA SER E 133 20.36 -3.81 38.50
C SER E 133 21.43 -2.75 38.34
N TRP E 134 21.32 -1.96 37.28
CA TRP E 134 22.27 -0.89 37.08
C TRP E 134 21.71 0.07 36.06
N GLY E 135 22.10 1.33 36.20
CA GLY E 135 21.71 2.35 35.24
C GLY E 135 21.10 3.58 35.87
N GLU E 136 20.35 4.32 35.07
CA GLU E 136 19.60 5.47 35.55
C GLU E 136 18.66 5.05 36.67
N GLY E 137 18.81 5.69 37.83
CA GLY E 137 18.08 5.26 39.00
C GLY E 137 16.82 6.04 39.27
N ASP E 138 16.37 6.83 38.28
CA ASP E 138 15.26 7.77 38.46
C ASP E 138 13.98 7.02 38.80
N ASP E 139 13.22 7.57 39.74
CA ASP E 139 11.97 6.96 40.23
C ASP E 139 12.19 5.59 40.86
N GLY E 140 13.39 5.30 41.36
CA GLY E 140 13.66 4.04 42.01
C GLY E 140 13.59 2.80 41.14
N LYS E 141 13.50 2.94 39.81
CA LYS E 141 13.40 1.81 38.89
C LYS E 141 14.49 0.77 39.10
N LEU E 142 15.51 1.08 39.91
CA LEU E 142 16.58 0.12 40.19
C LEU E 142 16.31 -0.75 41.41
N GLY E 143 15.40 -0.35 42.30
CA GLY E 143 14.95 -1.21 43.38
C GLY E 143 15.70 -1.11 44.69
N HIS E 144 16.61 -0.14 44.82
CA HIS E 144 17.47 0.00 46.00
C HIS E 144 16.98 1.10 46.94
N PHE E 145 15.68 1.35 46.99
CA PHE E 145 15.10 2.30 47.94
C PHE E 145 15.77 3.67 47.84
N SER E 146 16.22 4.04 46.64
CA SER E 146 16.64 5.41 46.37
C SER E 146 16.44 5.67 44.89
N ARG E 147 16.64 6.93 44.51
CA ARG E 147 16.56 7.36 43.11
C ARG E 147 17.94 7.56 42.50
N MET E 148 19.00 7.14 43.19
CA MET E 148 20.35 7.37 42.76
C MET E 148 20.71 6.47 41.58
N ASN E 149 21.60 6.95 40.72
CA ASN E 149 22.11 6.13 39.62
C ASN E 149 23.08 5.07 40.14
N CYS E 150 23.27 4.04 39.32
CA CYS E 150 24.21 2.95 39.58
C CYS E 150 24.96 2.66 38.29
N ASP E 151 26.25 3.00 38.24
CA ASP E 151 27.02 2.73 37.02
C ASP E 151 27.63 1.33 37.00
N LYS E 152 27.45 0.53 38.04
CA LYS E 152 27.82 -0.88 38.16
C LYS E 152 26.62 -1.67 38.69
N PRO E 153 26.45 -2.92 38.26
CA PRO E 153 25.34 -3.72 38.78
C PRO E 153 25.46 -3.87 40.29
N ARG E 154 24.31 -3.81 40.96
CA ARG E 154 24.24 -3.82 42.42
C ARG E 154 23.13 -4.77 42.81
N LEU E 155 23.44 -5.76 43.66
CA LEU E 155 22.45 -6.72 44.09
C LEU E 155 21.25 -6.01 44.70
N ILE E 156 20.05 -6.39 44.24
CA ILE E 156 18.80 -5.84 44.74
C ILE E 156 18.52 -6.57 46.06
N GLU E 157 18.92 -5.95 47.18
CA GLU E 157 18.83 -6.63 48.46
C GLU E 157 17.43 -7.18 48.66
N ALA E 158 16.42 -6.46 48.21
CA ALA E 158 15.02 -6.75 48.51
C ALA E 158 14.57 -8.12 48.04
N LEU E 159 15.31 -8.75 47.14
CA LEU E 159 14.90 -10.03 46.58
C LEU E 159 15.84 -11.16 46.96
N LYS E 160 16.89 -10.88 47.76
CA LYS E 160 17.89 -11.91 48.03
C LYS E 160 17.26 -13.19 48.53
N THR E 161 16.14 -13.07 49.25
CA THR E 161 15.41 -14.20 49.81
C THR E 161 14.29 -14.71 48.92
N LYS E 162 14.30 -14.38 47.63
CA LYS E 162 13.27 -14.86 46.72
C LYS E 162 13.94 -15.56 45.55
N ARG E 163 13.27 -16.57 45.00
CA ARG E 163 13.83 -17.37 43.91
C ARG E 163 13.26 -16.84 42.60
N ILE E 164 13.98 -15.89 41.99
CA ILE E 164 13.46 -15.17 40.83
C ILE E 164 13.59 -16.05 39.59
N ARG E 165 12.50 -16.14 38.82
CA ARG E 165 12.46 -16.95 37.60
C ARG E 165 12.75 -16.15 36.36
N ASP E 166 12.18 -14.97 36.24
CA ASP E 166 12.27 -14.16 35.03
C ASP E 166 12.25 -12.68 35.43
N ILE E 167 12.73 -11.82 34.54
CA ILE E 167 12.80 -10.38 34.81
C ILE E 167 12.35 -9.57 33.60
N ALA E 168 11.99 -8.31 33.89
CA ALA E 168 11.52 -7.37 32.89
C ALA E 168 11.94 -5.98 33.33
N CYS E 169 12.03 -5.10 32.34
CA CYS E 169 12.39 -3.70 32.53
C CYS E 169 11.66 -2.86 31.50
N GLY E 170 11.09 -1.75 31.96
CA GLY E 170 10.61 -0.71 31.11
C GLY E 170 11.56 0.47 31.05
N SER E 171 11.04 1.60 30.57
CA SER E 171 11.85 2.82 30.53
C SER E 171 12.02 3.40 31.92
N SER E 172 10.96 3.36 32.74
CA SER E 172 10.92 4.01 34.03
C SER E 172 10.45 3.11 35.17
N HIS E 173 10.15 1.84 34.91
CA HIS E 173 9.86 0.89 35.99
C HIS E 173 10.38 -0.47 35.59
N SER E 174 10.35 -1.40 36.54
CA SER E 174 10.93 -2.71 36.30
C SER E 174 10.10 -3.75 37.03
N ALA E 175 10.37 -5.02 36.75
CA ALA E 175 9.57 -6.13 37.29
C ALA E 175 10.38 -7.41 37.30
N ALA E 176 9.98 -8.33 38.16
CA ALA E 176 10.61 -9.63 38.32
C ALA E 176 9.60 -10.58 38.93
N LEU E 177 9.72 -11.87 38.60
CA LEU E 177 8.77 -12.86 39.10
C LEU E 177 9.47 -14.08 39.70
N THR E 178 8.82 -14.70 40.68
CA THR E 178 9.42 -15.79 41.41
C THR E 178 9.18 -17.11 40.67
N SER E 179 9.90 -18.15 41.13
CA SER E 179 9.64 -19.50 40.66
C SER E 179 8.24 -19.97 41.04
N SER E 180 7.72 -19.48 42.17
CA SER E 180 6.40 -19.87 42.64
C SER E 180 5.25 -19.20 41.91
N GLY E 181 5.51 -18.13 41.17
CA GLY E 181 4.50 -17.48 40.36
C GLY E 181 4.14 -16.07 40.78
N GLU E 182 4.70 -15.53 41.88
CA GLU E 182 4.36 -14.19 42.36
C GLU E 182 5.07 -13.13 41.53
N LEU E 183 4.47 -11.94 41.44
CA LEU E 183 5.03 -10.88 40.62
C LEU E 183 5.41 -9.70 41.49
N TYR E 184 6.54 -9.07 41.19
CA TYR E 184 6.96 -7.84 41.84
C TYR E 184 7.17 -6.75 40.79
N THR E 185 6.71 -5.56 41.09
CA THR E 185 6.95 -4.41 40.25
C THR E 185 7.47 -3.28 41.13
N TRP E 186 8.23 -2.37 40.52
CA TRP E 186 8.71 -1.21 41.26
C TRP E 186 9.03 -0.11 40.28
N GLY E 187 9.44 1.02 40.82
CA GLY E 187 9.76 2.16 40.00
C GLY E 187 8.60 3.15 39.92
N LEU E 188 8.62 3.93 38.84
CA LEU E 188 7.60 4.95 38.65
C LEU E 188 6.21 4.33 38.66
N GLY E 189 5.32 4.91 39.48
CA GLY E 189 3.97 4.42 39.59
C GLY E 189 2.96 5.13 38.74
N GLU E 190 3.39 6.17 38.03
CA GLU E 190 2.48 7.06 37.30
C GLU E 190 1.61 6.30 36.29
N TYR E 191 0.31 6.58 36.31
CA TYR E 191 -0.71 5.95 35.47
C TYR E 191 -0.88 4.46 35.76
N GLY E 192 -0.43 4.01 36.92
CA GLY E 192 -0.80 2.70 37.42
C GLY E 192 0.01 1.58 36.85
N ARG E 193 1.14 1.87 36.25
CA ARG E 193 1.91 0.82 35.62
C ARG E 193 2.33 -0.26 36.60
N LEU E 194 2.43 0.07 37.90
CA LEU E 194 2.93 -0.91 38.85
C LEU E 194 1.87 -1.94 39.24
N GLY E 195 0.58 -1.58 39.18
CA GLY E 195 -0.50 -2.52 39.45
C GLY E 195 -0.96 -2.62 40.90
N HIS E 196 -0.63 -1.65 41.75
CA HIS E 196 -0.95 -1.72 43.16
C HIS E 196 -2.13 -0.83 43.54
N GLY E 197 -3.01 -0.55 42.57
CA GLY E 197 -4.23 0.20 42.81
C GLY E 197 -4.06 1.64 43.23
N ASP E 198 -2.88 2.22 43.04
CA ASP E 198 -2.64 3.65 43.19
C ASP E 198 -1.63 4.03 42.12
N ASN E 199 -1.27 5.31 42.04
CA ASN E 199 -0.20 5.72 41.14
C ASN E 199 1.06 6.12 41.90
N THR E 200 1.30 5.49 43.05
CA THR E 200 2.39 5.86 43.94
C THR E 200 3.67 5.12 43.55
N THR E 201 4.75 5.87 43.41
CA THR E 201 6.05 5.31 43.02
C THR E 201 6.59 4.38 44.10
N GLN E 202 7.03 3.19 43.71
CA GLN E 202 7.63 2.21 44.61
C GLN E 202 9.13 2.12 44.34
N LEU E 203 9.93 2.40 45.38
CA LEU E 203 11.40 2.39 45.29
C LEU E 203 12.01 1.02 45.57
N LYS E 204 11.25 0.11 46.15
CA LYS E 204 11.60 -1.29 46.32
C LYS E 204 10.67 -2.14 45.47
N PRO E 205 11.05 -3.37 45.15
CA PRO E 205 10.07 -4.33 44.60
C PRO E 205 8.88 -4.55 45.52
N LYS E 206 7.67 -4.37 44.97
CA LYS E 206 6.41 -4.60 45.68
C LYS E 206 5.60 -5.65 44.92
N MET E 207 5.10 -6.64 45.64
CA MET E 207 4.38 -7.74 45.03
C MET E 207 3.00 -7.28 44.55
N VAL E 208 2.51 -7.88 43.48
CA VAL E 208 1.21 -7.50 42.92
C VAL E 208 0.18 -8.43 43.54
N LYS E 209 -0.58 -7.92 44.51
CA LYS E 209 -1.54 -8.72 45.26
C LYS E 209 -2.75 -9.13 44.43
N VAL E 210 -3.07 -8.37 43.38
CA VAL E 210 -4.21 -8.71 42.54
C VAL E 210 -4.00 -10.06 41.86
N LEU E 211 -2.74 -10.38 41.51
CA LEU E 211 -2.38 -11.56 40.73
C LEU E 211 -2.01 -12.76 41.59
N LEU E 212 -2.12 -12.65 42.91
CA LEU E 212 -1.92 -13.83 43.71
C LEU E 212 -3.02 -14.83 43.38
N GLY E 213 -2.65 -16.10 43.31
CA GLY E 213 -3.62 -17.12 42.97
C GLY E 213 -3.34 -17.65 41.58
N HIS E 214 -3.01 -16.75 40.65
CA HIS E 214 -2.53 -17.13 39.33
C HIS E 214 -1.02 -17.27 39.35
N ARG E 215 -0.52 -18.33 38.71
CA ARG E 215 0.91 -18.52 38.54
C ARG E 215 1.35 -17.64 37.38
N VAL E 216 2.15 -16.61 37.67
CA VAL E 216 2.63 -15.71 36.64
C VAL E 216 3.96 -16.23 36.11
N ILE E 217 4.10 -16.30 34.78
CA ILE E 217 5.27 -16.91 34.17
C ILE E 217 6.10 -15.94 33.33
N GLN E 218 5.51 -14.87 32.80
CA GLN E 218 6.26 -13.84 32.08
C GLN E 218 5.72 -12.47 32.43
N VAL E 219 6.47 -11.45 32.07
CA VAL E 219 6.06 -10.06 32.30
C VAL E 219 6.75 -9.17 31.27
N ALA E 220 6.04 -8.13 30.84
CA ALA E 220 6.53 -7.13 29.90
C ALA E 220 6.24 -5.74 30.43
N CYS E 221 7.06 -4.76 30.01
CA CYS E 221 7.01 -3.44 30.60
C CYS E 221 7.15 -2.40 29.50
N GLY E 222 6.38 -1.32 29.59
CA GLY E 222 6.35 -0.31 28.57
C GLY E 222 7.29 0.84 28.85
N SER E 223 7.22 1.83 27.97
CA SER E 223 8.01 3.04 28.04
C SER E 223 7.11 4.28 28.00
N ARG E 224 7.66 5.40 28.48
CA ARG E 224 6.92 6.68 28.53
C ARG E 224 5.69 6.44 29.40
N ASP E 225 4.50 6.85 28.99
CA ASP E 225 3.31 6.45 29.75
C ASP E 225 3.07 4.97 29.51
N ALA E 226 3.78 4.17 30.27
CA ALA E 226 3.99 2.75 30.03
C ALA E 226 2.75 1.95 30.40
N GLN E 227 2.66 0.76 29.82
CA GLN E 227 1.76 -0.28 30.27
C GLN E 227 2.59 -1.44 30.84
N THR E 228 1.89 -2.50 31.20
CA THR E 228 2.53 -3.68 31.73
C THR E 228 1.65 -4.87 31.42
N LEU E 229 2.26 -5.92 30.89
CA LEU E 229 1.57 -7.13 30.50
C LEU E 229 2.02 -8.25 31.43
N ALA E 230 1.22 -9.31 31.51
CA ALA E 230 1.61 -10.43 32.35
C ALA E 230 0.90 -11.67 31.83
N LEU E 231 1.61 -12.79 31.84
CA LEU E 231 1.09 -14.03 31.29
C LEU E 231 1.12 -15.07 32.40
N THR E 232 0.03 -15.85 32.54
CA THR E 232 0.00 -16.92 33.52
C THR E 232 0.22 -18.27 32.85
N ASP E 233 0.46 -19.29 33.67
CA ASP E 233 0.69 -20.62 33.12
C ASP E 233 -0.57 -21.19 32.47
N GLU E 234 -1.72 -20.53 32.62
CA GLU E 234 -2.98 -20.98 32.06
C GLU E 234 -3.28 -20.36 30.71
N GLY E 235 -2.42 -19.46 30.24
CA GLY E 235 -2.61 -18.77 28.98
C GLY E 235 -3.20 -17.39 29.10
N LEU E 236 -3.63 -17.01 30.29
CA LEU E 236 -4.25 -15.72 30.54
C LEU E 236 -3.23 -14.59 30.45
N VAL E 237 -3.61 -13.55 29.73
CA VAL E 237 -2.81 -12.33 29.63
C VAL E 237 -3.55 -11.23 30.36
N PHE E 238 -2.81 -10.47 31.16
CA PHE E 238 -3.31 -9.32 31.90
C PHE E 238 -2.58 -8.06 31.46
N SER E 239 -3.26 -6.93 31.55
CA SER E 239 -2.66 -5.65 31.23
C SER E 239 -3.13 -4.57 32.19
N TRP E 240 -2.21 -3.69 32.57
CA TRP E 240 -2.56 -2.52 33.34
C TRP E 240 -1.62 -1.39 32.94
N GLY E 241 -1.86 -0.21 33.50
CA GLY E 241 -1.07 0.96 33.21
C GLY E 241 -1.82 1.95 32.34
N ASP E 242 -1.05 2.85 31.72
CA ASP E 242 -1.61 3.84 30.81
C ASP E 242 -2.27 3.16 29.63
N GLY E 243 -3.44 3.67 29.24
CA GLY E 243 -4.21 3.00 28.21
C GLY E 243 -4.28 3.73 26.89
N ASP E 244 -3.48 4.78 26.74
CA ASP E 244 -3.49 5.58 25.51
C ASP E 244 -3.31 4.68 24.29
N PHE E 245 -4.07 4.98 23.23
CA PHE E 245 -4.01 4.24 21.97
C PHE E 245 -4.34 2.78 22.16
N GLY E 246 -5.17 2.48 23.16
CA GLY E 246 -5.65 1.12 23.36
C GLY E 246 -4.58 0.09 23.49
N LYS E 247 -3.38 0.48 23.95
CA LYS E 247 -2.34 -0.53 24.15
C LYS E 247 -2.65 -1.44 25.33
N LEU E 248 -3.65 -1.12 26.15
CA LEU E 248 -4.06 -2.14 27.10
C LEU E 248 -4.84 -3.26 26.44
N GLY E 249 -5.21 -3.12 25.16
CA GLY E 249 -5.88 -4.20 24.46
C GLY E 249 -7.29 -4.51 24.90
N ARG E 250 -7.88 -3.70 25.78
CA ARG E 250 -9.27 -3.88 26.16
C ARG E 250 -10.09 -2.71 25.66
N GLY E 251 -9.87 -2.32 24.41
CA GLY E 251 -10.67 -1.30 23.75
C GLY E 251 -10.46 0.09 24.32
N GLY E 252 -11.13 1.06 23.71
CA GLY E 252 -11.19 2.36 24.32
C GLY E 252 -9.84 3.02 24.46
N SER E 253 -9.60 3.61 25.63
CA SER E 253 -8.36 4.33 25.84
C SER E 253 -8.10 4.70 27.29
N GLU E 254 -8.88 4.13 28.22
CA GLU E 254 -8.67 4.40 29.64
C GLU E 254 -7.65 3.46 30.25
N GLY E 255 -6.85 4.00 31.17
CA GLY E 255 -5.91 3.21 31.91
C GLY E 255 -6.56 2.50 33.09
N CYS E 256 -5.73 1.82 33.86
CA CYS E 256 -6.17 1.29 35.13
C CYS E 256 -4.91 0.98 35.92
N ASN E 257 -5.08 0.77 37.22
CA ASN E 257 -3.93 0.55 38.08
C ASN E 257 -4.01 -0.80 38.77
N ILE E 258 -4.82 -1.71 38.25
CA ILE E 258 -4.79 -3.11 38.65
C ILE E 258 -4.73 -3.96 37.40
N PRO E 259 -4.18 -5.17 37.46
CA PRO E 259 -4.20 -6.05 36.28
C PRO E 259 -5.62 -6.38 35.86
N GLN E 260 -5.85 -6.32 34.55
CA GLN E 260 -7.14 -6.69 33.98
C GLN E 260 -6.92 -7.69 32.86
N ASN E 261 -7.62 -8.82 32.93
CA ASN E 261 -7.55 -9.82 31.88
C ASN E 261 -7.86 -9.23 30.51
N ILE E 262 -6.97 -9.46 29.54
CA ILE E 262 -7.27 -9.14 28.15
C ILE E 262 -8.06 -10.31 27.58
N GLU E 263 -9.37 -10.13 27.53
CA GLU E 263 -10.25 -11.25 27.25
C GLU E 263 -10.07 -11.77 25.84
N ARG E 264 -9.63 -10.94 24.89
CA ARG E 264 -9.55 -11.44 23.53
C ARG E 264 -8.48 -12.52 23.39
N LEU E 265 -7.43 -12.48 24.20
CA LEU E 265 -6.34 -13.44 24.07
C LEU E 265 -6.55 -14.70 24.88
N ASN E 266 -7.70 -14.87 25.49
CA ASN E 266 -7.94 -16.08 26.26
C ASN E 266 -8.06 -17.27 25.31
N GLY E 267 -7.45 -18.38 25.71
CA GLY E 267 -7.56 -19.61 24.97
C GLY E 267 -6.71 -19.68 23.72
N GLN E 268 -6.03 -18.60 23.37
CA GLN E 268 -5.13 -18.60 22.22
C GLN E 268 -3.78 -19.25 22.54
N GLY E 269 -3.56 -19.66 23.78
CA GLY E 269 -2.29 -20.28 24.12
C GLY E 269 -1.11 -19.34 24.01
N VAL E 270 -1.26 -18.11 24.54
CA VAL E 270 -0.19 -17.13 24.46
C VAL E 270 1.01 -17.59 25.27
N CYS E 271 2.19 -17.61 24.65
CA CYS E 271 3.39 -18.10 25.31
C CYS E 271 4.51 -17.08 25.39
N GLN E 272 4.41 -15.93 24.71
CA GLN E 272 5.41 -14.88 24.86
C GLN E 272 4.71 -13.52 24.75
N ILE E 273 5.19 -12.55 25.51
CA ILE E 273 4.64 -11.20 25.49
C ILE E 273 5.77 -10.20 25.57
N GLU E 274 5.63 -9.10 24.83
CA GLU E 274 6.63 -8.03 24.81
C GLU E 274 5.89 -6.70 24.77
N CYS E 275 6.55 -5.63 25.24
CA CYS E 275 6.04 -4.26 25.08
C CYS E 275 7.06 -3.39 24.36
N GLY E 276 6.64 -2.78 23.25
CA GLY E 276 7.46 -1.85 22.50
C GLY E 276 7.36 -0.42 23.01
N ALA E 277 7.18 0.55 22.11
CA ALA E 277 6.88 1.93 22.52
C ALA E 277 5.37 2.16 22.29
N GLN E 278 4.61 2.27 23.40
CA GLN E 278 3.16 2.45 23.32
C GLN E 278 2.44 1.35 22.55
N PHE E 279 3.03 0.16 22.36
CA PHE E 279 2.28 -0.91 21.72
C PHE E 279 2.71 -2.24 22.31
N SER E 280 1.83 -3.24 22.16
CA SER E 280 2.03 -4.52 22.79
C SER E 280 2.03 -5.59 21.73
N LEU E 281 2.71 -6.71 22.02
CA LEU E 281 2.82 -7.86 21.13
C LEU E 281 2.69 -9.13 21.94
N ALA E 282 2.04 -10.15 21.37
CA ALA E 282 2.00 -11.47 21.98
C ALA E 282 2.05 -12.52 20.89
N LEU E 283 2.68 -13.65 21.19
CA LEU E 283 2.84 -14.75 20.24
C LEU E 283 2.24 -16.01 20.83
N THR E 284 1.57 -16.81 20.00
CA THR E 284 0.90 -18.01 20.49
C THR E 284 1.76 -19.25 20.28
N LYS E 285 1.41 -20.33 20.99
CA LYS E 285 2.13 -21.59 20.80
C LYS E 285 1.99 -22.09 19.38
N SER E 286 0.93 -21.70 18.70
CA SER E 286 0.64 -22.12 17.35
C SER E 286 1.23 -21.20 16.30
N GLY E 287 2.06 -20.24 16.71
CA GLY E 287 2.79 -19.39 15.78
C GLY E 287 2.06 -18.15 15.30
N VAL E 288 1.10 -17.66 16.07
CA VAL E 288 0.32 -16.50 15.68
C VAL E 288 0.78 -15.30 16.46
N VAL E 289 0.90 -14.16 15.79
CA VAL E 289 1.37 -12.93 16.40
C VAL E 289 0.20 -11.95 16.48
N TRP E 290 0.01 -11.38 17.67
CA TRP E 290 -1.00 -10.35 17.93
C TRP E 290 -0.32 -9.06 18.36
N THR E 291 -0.72 -7.95 17.77
CA THR E 291 -0.25 -6.63 18.15
C THR E 291 -1.45 -5.71 18.39
N TRP E 292 -1.31 -4.84 19.39
CA TRP E 292 -2.23 -3.74 19.58
C TRP E 292 -1.44 -2.56 20.11
N GLY E 293 -2.01 -1.37 19.99
CA GLY E 293 -1.36 -0.22 20.58
C GLY E 293 -1.36 0.97 19.63
N LYS E 294 -0.39 1.87 19.82
CA LYS E 294 -0.29 3.02 18.94
C LYS E 294 0.16 2.61 17.55
N GLY E 295 -0.48 3.16 16.53
CA GLY E 295 -0.28 2.67 15.18
C GLY E 295 0.74 3.38 14.32
N ASP E 296 1.11 4.60 14.70
CA ASP E 296 1.86 5.47 13.81
C ASP E 296 3.18 4.83 13.45
N TYR E 297 3.68 5.19 12.27
CA TYR E 297 4.92 4.63 11.72
C TYR E 297 4.83 3.11 11.53
N PHE E 298 3.63 2.56 11.51
CA PHE E 298 3.40 1.17 11.14
C PHE E 298 4.09 0.18 12.07
N ARG E 299 4.32 0.54 13.33
CA ARG E 299 4.94 -0.43 14.23
C ARG E 299 4.07 -1.65 14.48
N LEU E 300 2.85 -1.74 13.96
CA LEU E 300 1.99 -2.86 14.31
C LEU E 300 1.91 -3.97 13.27
N GLY E 301 2.34 -3.74 12.03
CA GLY E 301 2.38 -4.80 11.03
C GLY E 301 1.09 -5.12 10.32
N HIS E 302 0.08 -4.25 10.39
CA HIS E 302 -1.18 -4.54 9.73
C HIS E 302 -1.34 -3.88 8.38
N GLY E 303 -0.41 -3.03 7.99
CA GLY E 303 -0.49 -2.33 6.74
C GLY E 303 -0.98 -0.91 6.87
N SER E 304 -1.73 -0.61 7.93
CA SER E 304 -2.20 0.74 8.22
C SER E 304 -1.55 1.27 9.49
N ASP E 305 -1.38 2.58 9.56
CA ASP E 305 -0.85 3.12 10.79
C ASP E 305 -1.91 3.45 11.83
N VAL E 306 -3.14 2.94 11.66
CA VAL E 306 -4.18 3.22 12.63
C VAL E 306 -3.84 2.53 13.95
N HIS E 307 -4.28 3.13 15.06
CA HIS E 307 -4.15 2.53 16.38
C HIS E 307 -5.10 1.36 16.49
N VAL E 308 -4.76 0.34 17.27
CA VAL E 308 -5.71 -0.75 17.50
C VAL E 308 -5.81 -1.05 18.98
N ARG E 309 -7.04 -1.17 19.45
CA ARG E 309 -7.35 -1.13 20.86
C ARG E 309 -7.75 -2.46 21.45
N LYS E 310 -7.73 -3.53 20.67
CA LYS E 310 -7.87 -4.90 21.14
C LYS E 310 -6.95 -5.69 20.23
N PRO E 311 -6.21 -6.66 20.77
CA PRO E 311 -5.28 -7.46 19.95
C PRO E 311 -5.79 -7.85 18.58
N GLN E 312 -5.00 -7.60 17.53
CA GLN E 312 -5.36 -7.95 16.15
C GLN E 312 -4.23 -8.78 15.59
N VAL E 313 -4.57 -9.92 14.99
CA VAL E 313 -3.57 -10.76 14.35
C VAL E 313 -2.82 -10.00 13.27
N VAL E 314 -1.50 -10.16 13.27
CA VAL E 314 -0.68 -9.70 12.17
C VAL E 314 -0.88 -10.65 10.99
N GLU E 315 -1.77 -10.26 10.07
CA GLU E 315 -2.21 -11.21 9.05
C GLU E 315 -1.18 -11.40 7.97
N GLY E 316 -0.24 -10.47 7.83
CA GLY E 316 0.89 -10.72 6.97
C GLY E 316 1.72 -11.95 7.33
N LEU E 317 1.46 -12.59 8.47
CA LEU E 317 2.23 -13.75 8.89
C LEU E 317 1.36 -14.98 9.10
N ARG E 318 0.15 -14.98 8.58
CA ARG E 318 -0.70 -16.15 8.73
C ARG E 318 -0.11 -17.31 7.96
N GLY E 319 -0.22 -18.51 8.54
CA GLY E 319 0.30 -19.71 7.94
C GLY E 319 1.75 -20.01 8.25
N LYS E 320 2.51 -19.01 8.65
CA LYS E 320 3.88 -19.16 9.09
C LYS E 320 3.91 -19.34 10.60
N LYS E 321 4.56 -20.38 11.08
CA LYS E 321 4.62 -20.70 12.50
C LYS E 321 5.76 -19.91 13.13
N ILE E 322 5.43 -18.77 13.75
CA ILE E 322 6.42 -17.92 14.38
C ILE E 322 6.83 -18.54 15.71
N VAL E 323 8.12 -18.67 15.92
CA VAL E 323 8.64 -19.24 17.15
C VAL E 323 9.35 -18.23 18.01
N HIS E 324 9.74 -17.07 17.48
CA HIS E 324 10.33 -16.06 18.33
C HIS E 324 9.99 -14.66 17.82
N VAL E 325 9.87 -13.72 18.75
CA VAL E 325 9.55 -12.34 18.42
C VAL E 325 10.37 -11.40 19.29
N ALA E 326 10.60 -10.21 18.75
CA ALA E 326 11.23 -9.12 19.47
C ALA E 326 10.65 -7.81 18.97
N VAL E 327 10.71 -6.82 19.84
CA VAL E 327 10.15 -5.49 19.58
C VAL E 327 11.20 -4.46 19.91
N GLY E 328 11.27 -3.41 19.10
CA GLY E 328 11.96 -2.20 19.43
C GLY E 328 10.99 -1.06 19.69
N ALA E 329 11.54 0.15 19.64
CA ALA E 329 10.70 1.34 19.74
C ALA E 329 9.64 1.38 18.64
N LEU E 330 10.03 1.14 17.38
CA LEU E 330 9.06 1.26 16.29
C LEU E 330 9.12 0.10 15.30
N HIS E 331 9.91 -0.94 15.56
CA HIS E 331 9.99 -2.05 14.63
C HIS E 331 9.84 -3.34 15.41
N CYS E 332 9.51 -4.41 14.68
CA CYS E 332 9.46 -5.75 15.26
C CYS E 332 10.12 -6.72 14.30
N LEU E 333 10.58 -7.85 14.86
CA LEU E 333 11.17 -8.98 14.14
C LEU E 333 10.49 -10.28 14.56
N ALA E 334 10.12 -11.13 13.59
CA ALA E 334 9.53 -12.43 13.89
C ALA E 334 10.28 -13.55 13.16
N VAL E 335 10.47 -14.69 13.84
CA VAL E 335 11.24 -15.81 13.28
C VAL E 335 10.32 -17.00 13.06
N THR E 336 10.43 -17.63 11.89
CA THR E 336 9.62 -18.80 11.59
C THR E 336 10.33 -20.06 12.05
N ASP E 337 9.57 -21.17 12.11
CA ASP E 337 10.19 -22.43 12.50
C ASP E 337 11.21 -22.89 11.47
N SER E 338 11.11 -22.41 10.22
CA SER E 338 12.04 -22.75 9.15
C SER E 338 13.17 -21.71 8.99
N GLY E 339 13.43 -20.92 10.02
CA GLY E 339 14.65 -20.16 10.12
C GLY E 339 14.63 -18.78 9.52
N GLN E 340 13.48 -18.33 9.03
CA GLN E 340 13.39 -17.06 8.32
C GLN E 340 12.97 -15.93 9.24
N VAL E 341 13.44 -14.73 8.95
CA VAL E 341 13.23 -13.56 9.79
C VAL E 341 12.41 -12.53 9.03
N TYR E 342 11.25 -12.21 9.56
CA TYR E 342 10.40 -11.16 9.02
C TYR E 342 10.49 -9.93 9.91
N ALA E 343 10.31 -8.76 9.30
CA ALA E 343 10.43 -7.48 10.00
C ALA E 343 9.35 -6.53 9.51
N TRP E 344 9.02 -5.53 10.32
CA TRP E 344 8.05 -4.52 9.91
C TRP E 344 8.19 -3.31 10.81
N GLY E 345 7.82 -2.15 10.29
CA GLY E 345 7.82 -0.95 11.12
C GLY E 345 8.69 0.15 10.56
N ASP E 346 9.04 1.12 11.38
CA ASP E 346 9.84 2.24 10.94
C ASP E 346 11.24 1.80 10.47
N ASN E 347 11.81 2.62 9.57
CA ASN E 347 13.08 2.26 8.95
C ASN E 347 14.00 3.45 8.77
N ASP E 348 13.80 4.54 9.50
CA ASP E 348 14.71 5.68 9.44
C ASP E 348 16.16 5.26 9.55
N HIS E 349 16.45 4.14 10.22
CA HIS E 349 17.82 3.70 10.48
C HIS E 349 18.14 2.32 9.92
N GLY E 350 17.34 1.83 8.98
CA GLY E 350 17.69 0.57 8.38
C GLY E 350 17.38 -0.62 9.25
N GLN E 351 16.74 -0.41 10.40
CA GLN E 351 16.49 -1.51 11.31
C GLN E 351 15.56 -2.53 10.72
N GLN E 352 14.91 -2.20 9.61
CA GLN E 352 14.12 -3.21 8.93
C GLN E 352 15.00 -4.26 8.27
N GLY E 353 16.27 -3.95 8.05
CA GLY E 353 17.13 -4.89 7.35
C GLY E 353 16.67 -5.19 5.94
N ASN E 354 15.96 -4.27 5.31
CA ASN E 354 15.61 -4.48 3.91
C ASN E 354 16.61 -3.84 2.94
N GLY E 355 17.64 -3.18 3.44
CA GLY E 355 18.63 -2.56 2.56
C GLY E 355 18.26 -1.20 2.03
N THR E 356 17.10 -0.66 2.39
CA THR E 356 16.77 0.73 2.17
C THR E 356 16.41 1.36 3.50
N THR E 357 16.02 2.63 3.45
CA THR E 357 15.41 3.27 4.59
C THR E 357 13.91 3.39 4.44
N THR E 358 13.31 2.55 3.60
CA THR E 358 11.89 2.49 3.43
C THR E 358 11.21 1.76 4.57
N VAL E 359 10.10 2.33 5.05
CA VAL E 359 9.24 1.70 6.04
C VAL E 359 8.70 0.37 5.56
N ASN E 360 8.64 -0.62 6.43
CA ASN E 360 7.96 -1.89 6.14
C ASN E 360 6.55 -1.78 6.72
N ARG E 361 5.55 -1.48 5.88
CA ARG E 361 4.18 -1.34 6.38
C ARG E 361 3.58 -2.70 6.75
N LYS E 362 3.94 -3.77 6.03
CA LYS E 362 3.57 -5.14 6.36
C LYS E 362 4.82 -5.93 6.70
N PRO E 363 4.68 -7.04 7.42
CA PRO E 363 5.84 -7.91 7.67
C PRO E 363 6.57 -8.27 6.39
N THR E 364 7.86 -8.01 6.37
CA THR E 364 8.68 -8.20 5.18
C THR E 364 9.91 -9.03 5.50
N LEU E 365 10.30 -9.84 4.53
CA LEU E 365 11.37 -10.80 4.70
C LEU E 365 12.74 -10.13 4.75
N VAL E 366 13.49 -10.40 5.81
CA VAL E 366 14.81 -9.82 5.93
C VAL E 366 15.74 -10.46 4.92
N GLN E 367 16.60 -9.63 4.30
N GLN E 367 16.56 -9.66 4.24
CA GLN E 367 17.45 -10.07 3.19
CA GLN E 367 17.37 -10.16 3.14
C GLN E 367 18.81 -10.53 3.68
C GLN E 367 18.81 -10.46 3.56
N GLY E 368 19.31 -11.60 3.07
CA GLY E 368 20.65 -12.03 3.33
C GLY E 368 20.82 -13.12 4.35
N LEU E 369 19.75 -13.78 4.79
CA LEU E 369 19.88 -14.78 5.84
C LEU E 369 19.40 -16.18 5.42
N GLU E 370 19.10 -16.39 4.14
CA GLU E 370 18.71 -17.73 3.69
C GLU E 370 19.85 -18.70 3.94
N GLY E 371 19.54 -19.78 4.65
CA GLY E 371 20.52 -20.76 5.02
C GLY E 371 20.98 -20.68 6.47
N GLN E 372 21.00 -19.49 7.04
CA GLN E 372 21.17 -19.37 8.48
C GLN E 372 19.84 -19.69 9.12
N LYS E 373 19.79 -20.78 9.89
CA LYS E 373 18.57 -21.16 10.58
C LYS E 373 18.48 -20.36 11.88
N ILE E 374 17.99 -19.12 11.75
CA ILE E 374 17.87 -18.23 12.90
C ILE E 374 16.89 -18.81 13.89
N THR E 375 17.25 -18.77 15.18
CA THR E 375 16.39 -19.28 16.24
C THR E 375 15.88 -18.20 17.19
N ARG E 376 16.54 -17.05 17.26
CA ARG E 376 16.10 -15.96 18.11
C ARG E 376 16.43 -14.63 17.45
N VAL E 377 15.64 -13.62 17.79
CA VAL E 377 15.87 -12.25 17.40
C VAL E 377 15.83 -11.38 18.65
N ALA E 378 16.28 -10.14 18.50
CA ALA E 378 16.16 -9.18 19.56
C ALA E 378 16.24 -7.81 18.91
N CYS E 379 15.72 -6.81 19.63
CA CYS E 379 15.78 -5.44 19.15
C CYS E 379 16.24 -4.53 20.28
N GLY E 380 16.68 -3.34 19.90
CA GLY E 380 16.99 -2.26 20.81
C GLY E 380 16.13 -1.11 20.35
N SER E 381 16.46 0.11 20.77
CA SER E 381 15.71 1.27 20.33
C SER E 381 15.49 1.26 18.83
N SER E 382 16.59 1.29 18.06
CA SER E 382 16.52 1.41 16.62
C SER E 382 17.28 0.34 15.86
N HIS E 383 17.70 -0.75 16.52
CA HIS E 383 18.58 -1.73 15.91
C HIS E 383 18.07 -3.15 16.13
N SER E 384 18.61 -4.07 15.34
CA SER E 384 18.08 -5.42 15.28
C SER E 384 19.19 -6.45 15.31
N VAL E 385 18.91 -7.56 15.99
CA VAL E 385 19.82 -8.69 16.17
C VAL E 385 19.10 -9.97 15.75
N ALA E 386 19.79 -10.84 15.01
CA ALA E 386 19.30 -12.19 14.79
C ALA E 386 20.44 -13.15 15.05
N TRP E 387 20.16 -14.31 15.63
CA TRP E 387 21.23 -15.28 15.82
C TRP E 387 20.66 -16.68 15.71
N THR E 388 21.58 -17.65 15.68
CA THR E 388 21.36 -19.07 15.40
C THR E 388 21.64 -19.90 16.65
N THR E 389 21.79 -21.21 16.45
CA THR E 389 22.27 -22.12 17.48
C THR E 389 23.36 -21.52 18.35
N ASP F 3 8.44 11.33 15.96
CA ASP F 3 7.86 10.82 17.19
C ASP F 3 8.85 10.98 18.35
N GLU F 4 8.33 10.93 19.58
CA GLU F 4 9.17 11.04 20.78
C GLU F 4 10.05 9.79 20.98
N ASP F 5 9.68 8.66 20.37
CA ASP F 5 10.41 7.41 20.45
C ASP F 5 11.34 7.18 19.25
N LYS F 6 11.54 8.19 18.40
CA LYS F 6 12.48 8.09 17.28
C LYS F 6 13.88 8.48 17.74
N ASP F 7 14.85 7.57 17.56
CA ASP F 7 16.24 7.93 17.75
C ASP F 7 16.63 8.98 16.73
N GLU F 8 17.72 9.69 17.01
CA GLU F 8 18.29 10.62 16.05
C GLU F 8 19.72 10.20 15.72
N ASP F 9 20.04 10.22 14.43
CA ASP F 9 21.34 9.80 13.92
C ASP F 9 22.39 10.85 14.24
C1 CIT G . -13.86 -11.20 21.73
O1 CIT G . -13.10 -12.19 21.75
O2 CIT G . -14.17 -10.70 20.63
C2 CIT G . -14.38 -10.64 23.03
C3 CIT G . -14.07 -9.16 23.08
O7 CIT G . -12.75 -8.94 22.51
C4 CIT G . -14.21 -8.65 24.52
C5 CIT G . -12.98 -7.94 25.05
O3 CIT G . -11.82 -8.38 24.86
O4 CIT G . -13.11 -6.88 25.71
C6 CIT G . -15.12 -8.45 22.25
O5 CIT G . -14.92 -8.18 21.05
O6 CIT G . -16.22 -8.17 22.78
C1 CIT H . 5.50 -6.37 49.59
O1 CIT H . 4.70 -6.95 48.83
O2 CIT H . 5.07 -5.56 50.43
C2 CIT H . 6.99 -6.60 49.51
C3 CIT H . 7.45 -7.86 50.23
O7 CIT H . 7.35 -7.65 51.66
C4 CIT H . 6.63 -9.11 49.88
C5 CIT H . 6.84 -10.10 51.01
O3 CIT H . 7.07 -11.31 50.76
O4 CIT H . 6.80 -9.71 52.19
C6 CIT H . 8.89 -8.13 49.76
O5 CIT H . 9.27 -9.32 49.52
O6 CIT H . 9.72 -7.20 49.59
#